data_1K7F
#
_entry.id   1K7F
#
_cell.length_a   183.664
_cell.length_b   59.074
_cell.length_c   67.467
_cell.angle_alpha   90.00
_cell.angle_beta   94.70
_cell.angle_gamma   90.00
#
_symmetry.space_group_name_H-M   'C 1 2 1'
#
loop_
_entity.id
_entity.type
_entity.pdbx_description
1 polymer 'TRYPTOPHAN SYNTHASE ALPHA CHAIN'
2 polymer 'TRYPTOPHAN SYNTHASE BETA CHAIN'
3 non-polymer 'N-[1H-INDOL-3-YL-ACETYL]VALINE ACID'
4 non-polymer "PYRIDOXAL-5'-PHOSPHATE"
5 water water
#
loop_
_entity_poly.entity_id
_entity_poly.type
_entity_poly.pdbx_seq_one_letter_code
_entity_poly.pdbx_strand_id
1 'polypeptide(L)'
;MERYENLFAQLNDRREGAFVPFVTLGDPGIEQSLKIIDTLIDAGADALELGVPFSDPLADGPTIQNANLRAFAAGVTPAQ
CFEMLALIREKHPTIPIGLLMYANLVFNNGIDAFYARCEQVGVDSVLVADVPVEESAPFRQAALRHNIAPIFICPPNADD
DLLRQVASYGRGYTYLLSRSGVTGAENRGALPLHHLIEKLKEYHAAPALQGFGISSPEQVSAAVRAGAAGAISGSAIVKI
IEKNLASPKQMLAELRSFVSAMKAASRA
;
A
2 'polypeptide(L)'
;TTLLNPYFGEFGGMYVPQILMPALNQLEEAFVSAQKDPEFQAQFADLLKNYAGRPTALTKCQNITAGTRTTLYLKREDLL
HGGAHKTNQVLGQALLAKRMGKSEIIAETGAGQHGVASALASALLGLKCRIYMGAKDVERQSPNVFRMRLMGAEVIPVHS
GSATLKDACNEALRDWSGSYETAHYMLGTAAGPHPYPTIVREFQRMIGEETKAQILDKEGRLPDAVIACVGGGSNAIGMF
ADFINDTSVGLIGVEPGGHGIETGEHGAPLKHGRVGIYFGMKAPMMQTADGQIEESYSISAGLDFPSVGPQHAYLNSIGR
ADYVSITDDEALEAFKTLCRHEGIIPALESSHALAHALKMMREQPEKEQLLVVNLSGRGDKDIFTVHDILKARGEI
;
B
#
# COMPACT_ATOMS: atom_id res chain seq x y z
N MET A 1 -5.17 -35.08 -3.14
CA MET A 1 -6.52 -34.73 -2.52
C MET A 1 -7.30 -33.94 -3.55
N GLU A 2 -8.63 -34.00 -3.51
CA GLU A 2 -9.59 -33.47 -4.48
C GLU A 2 -10.85 -33.15 -3.62
N ARG A 3 -10.66 -32.47 -2.49
CA ARG A 3 -11.83 -32.34 -1.56
C ARG A 3 -12.94 -31.42 -2.09
N TYR A 4 -12.56 -30.33 -2.79
CA TYR A 4 -13.61 -29.48 -3.41
C TYR A 4 -14.43 -30.35 -4.42
N GLU A 5 -13.74 -31.00 -5.38
CA GLU A 5 -14.54 -31.85 -6.33
C GLU A 5 -15.55 -32.81 -5.68
N ASN A 6 -15.05 -33.61 -4.77
CA ASN A 6 -15.87 -34.47 -4.02
C ASN A 6 -17.03 -33.79 -3.30
N LEU A 7 -16.81 -32.69 -2.53
CA LEU A 7 -17.93 -31.97 -1.84
C LEU A 7 -18.89 -31.53 -2.98
N PHE A 8 -18.45 -31.07 -4.18
CA PHE A 8 -19.51 -30.49 -5.03
C PHE A 8 -20.34 -31.61 -5.72
N ALA A 9 -19.67 -32.71 -5.93
CA ALA A 9 -20.30 -33.86 -6.65
C ALA A 9 -21.38 -34.40 -5.69
N GLN A 10 -21.00 -34.49 -4.43
CA GLN A 10 -21.91 -34.91 -3.42
C GLN A 10 -23.12 -34.00 -3.28
N LEU A 11 -22.86 -32.68 -3.26
CA LEU A 11 -23.96 -31.80 -2.86
C LEU A 11 -24.87 -31.87 -4.16
N ASN A 12 -24.27 -32.02 -5.31
CA ASN A 12 -25.12 -32.02 -6.53
C ASN A 12 -26.02 -33.26 -6.47
N ASP A 13 -25.44 -34.41 -6.12
CA ASP A 13 -26.24 -35.61 -5.88
C ASP A 13 -27.39 -35.31 -4.90
N ARG A 14 -27.19 -34.45 -3.94
CA ARG A 14 -28.31 -34.12 -3.17
C ARG A 14 -29.08 -32.85 -3.60
N ARG A 15 -28.87 -32.29 -4.77
CA ARG A 15 -29.42 -30.97 -5.19
C ARG A 15 -29.33 -29.96 -4.08
N GLU A 16 -28.05 -29.73 -3.55
CA GLU A 16 -27.93 -28.84 -2.48
C GLU A 16 -26.85 -27.83 -2.82
N GLY A 17 -26.89 -26.64 -2.25
CA GLY A 17 -25.66 -25.82 -2.33
C GLY A 17 -24.76 -25.99 -1.13
N ALA A 18 -23.54 -25.38 -1.21
CA ALA A 18 -22.61 -25.42 -0.05
C ALA A 18 -22.83 -24.26 0.81
N PHE A 19 -22.84 -24.45 2.16
CA PHE A 19 -22.81 -23.25 3.04
C PHE A 19 -21.43 -23.20 3.74
N VAL A 20 -20.69 -22.13 3.62
CA VAL A 20 -19.30 -22.05 4.04
C VAL A 20 -19.03 -20.84 4.89
N PRO A 21 -18.88 -21.07 6.16
CA PRO A 21 -18.59 -19.99 7.00
C PRO A 21 -17.09 -19.61 7.03
N PHE A 22 -16.85 -18.34 7.26
CA PHE A 22 -15.51 -17.83 7.48
C PHE A 22 -15.24 -17.28 8.91
N VAL A 23 -14.12 -17.64 9.53
CA VAL A 23 -13.65 -17.04 10.79
C VAL A 23 -12.20 -16.77 10.72
N THR A 24 -11.66 -15.99 11.71
CA THR A 24 -10.25 -15.63 11.80
C THR A 24 -9.65 -16.59 12.78
N LEU A 25 -8.57 -17.27 12.34
CA LEU A 25 -8.01 -18.29 13.23
C LEU A 25 -7.40 -17.65 14.48
N GLY A 26 -7.71 -18.22 15.62
CA GLY A 26 -7.31 -17.72 16.91
C GLY A 26 -8.21 -16.66 17.55
N ASP A 27 -9.38 -16.44 16.98
CA ASP A 27 -10.24 -15.46 17.56
C ASP A 27 -11.35 -16.08 18.31
N PRO A 28 -11.57 -15.76 19.59
CA PRO A 28 -10.83 -14.76 20.37
C PRO A 28 -9.72 -15.40 21.14
N GLY A 29 -9.52 -16.69 21.03
CA GLY A 29 -8.31 -17.26 21.54
C GLY A 29 -8.01 -18.52 20.79
N ILE A 30 -6.83 -19.10 20.96
CA ILE A 30 -6.54 -20.34 20.28
C ILE A 30 -7.51 -21.40 20.57
N GLU A 31 -7.76 -21.66 21.84
CA GLU A 31 -8.63 -22.78 22.15
C GLU A 31 -10.14 -22.59 21.94
N GLN A 32 -10.62 -21.43 22.28
CA GLN A 32 -11.96 -21.04 21.92
C GLN A 32 -12.21 -21.05 20.36
N SER A 33 -11.21 -20.66 19.56
CA SER A 33 -11.29 -20.69 18.07
C SER A 33 -11.53 -22.12 17.53
N LEU A 34 -10.84 -23.10 18.14
CA LEU A 34 -10.99 -24.48 17.79
C LEU A 34 -12.38 -25.03 18.09
N LYS A 35 -12.87 -24.70 19.28
CA LYS A 35 -14.25 -25.01 19.65
C LYS A 35 -15.30 -24.32 18.76
N ILE A 36 -15.14 -23.02 18.49
CA ILE A 36 -15.98 -22.33 17.49
C ILE A 36 -15.96 -23.12 16.13
N ILE A 37 -14.78 -23.42 15.62
CA ILE A 37 -14.72 -24.07 14.29
C ILE A 37 -15.42 -25.43 14.32
N ASP A 38 -15.17 -26.15 15.39
CA ASP A 38 -15.77 -27.46 15.49
C ASP A 38 -17.28 -27.35 15.60
N THR A 39 -17.74 -26.25 16.22
CA THR A 39 -19.16 -26.05 16.32
C THR A 39 -19.76 -25.76 14.92
N LEU A 40 -19.07 -24.95 14.13
CA LEU A 40 -19.49 -24.66 12.79
C LEU A 40 -19.66 -25.93 12.00
N ILE A 41 -18.71 -26.86 12.12
CA ILE A 41 -18.77 -27.99 11.28
C ILE A 41 -19.92 -28.89 11.73
N ASP A 42 -20.01 -28.99 13.05
CA ASP A 42 -21.05 -29.80 13.63
C ASP A 42 -22.44 -29.35 13.36
N ALA A 43 -22.60 -28.05 13.26
CA ALA A 43 -23.85 -27.49 12.87
C ALA A 43 -24.24 -27.60 11.36
N GLY A 44 -23.33 -28.04 10.52
CA GLY A 44 -23.62 -28.33 9.11
C GLY A 44 -22.76 -27.57 8.10
N ALA A 45 -21.75 -26.87 8.50
CA ALA A 45 -20.89 -26.19 7.49
C ALA A 45 -20.36 -27.24 6.50
N ASP A 46 -20.36 -26.85 5.24
CA ASP A 46 -19.87 -27.77 4.22
C ASP A 46 -18.34 -27.67 3.92
N ALA A 47 -17.76 -26.51 4.19
CA ALA A 47 -16.36 -26.22 3.99
C ALA A 47 -16.04 -25.05 4.87
N LEU A 48 -14.80 -24.77 5.02
CA LEU A 48 -14.42 -23.61 5.88
C LEU A 48 -13.53 -22.69 5.11
N GLU A 49 -13.68 -21.43 5.40
CA GLU A 49 -12.79 -20.47 4.97
C GLU A 49 -12.21 -19.78 6.23
N LEU A 50 -10.87 -19.74 6.24
CA LEU A 50 -10.09 -19.27 7.40
C LEU A 50 -9.16 -18.12 7.16
N GLY A 51 -9.09 -17.16 8.06
CA GLY A 51 -8.09 -16.08 7.84
C GLY A 51 -6.88 -16.15 8.77
N VAL A 52 -5.69 -15.62 8.39
CA VAL A 52 -4.51 -15.54 9.27
C VAL A 52 -4.25 -14.08 9.50
N PRO A 53 -4.23 -13.73 10.77
CA PRO A 53 -3.86 -12.39 11.29
C PRO A 53 -2.59 -11.83 10.67
N PHE A 54 -2.76 -10.62 10.16
CA PHE A 54 -1.85 -9.92 9.24
C PHE A 54 -1.86 -8.45 9.52
N SER A 55 -0.68 -7.87 9.51
CA SER A 55 -0.67 -6.50 10.08
C SER A 55 -1.48 -5.52 9.21
N ASP A 56 -1.60 -5.71 7.89
CA ASP A 56 -2.31 -4.72 7.01
C ASP A 56 -3.38 -5.22 6.04
N PRO A 57 -4.51 -5.64 6.57
CA PRO A 57 -5.57 -6.30 5.76
C PRO A 57 -6.36 -5.35 4.91
N LEU A 58 -5.73 -4.96 3.82
CA LEU A 58 -6.42 -3.94 3.03
C LEU A 58 -7.66 -4.36 2.24
N ALA A 59 -8.15 -5.56 2.44
CA ALA A 59 -9.27 -5.91 1.61
C ALA A 59 -10.39 -6.10 2.54
N ASP A 60 -10.14 -5.73 3.80
CA ASP A 60 -11.08 -5.91 4.90
C ASP A 60 -11.64 -4.63 5.62
N GLY A 61 -12.90 -4.79 6.00
CA GLY A 61 -13.67 -3.83 6.86
C GLY A 61 -13.59 -4.15 8.40
N PRO A 62 -14.60 -3.78 9.30
CA PRO A 62 -14.64 -3.76 10.82
C PRO A 62 -14.88 -4.88 11.90
N THR A 63 -15.99 -5.59 11.76
CA THR A 63 -16.15 -6.79 12.54
C THR A 63 -14.93 -7.63 12.34
N ILE A 64 -14.40 -7.58 11.12
CA ILE A 64 -13.27 -8.42 10.75
C ILE A 64 -12.07 -7.78 11.25
N GLN A 65 -11.98 -6.50 10.98
CA GLN A 65 -10.84 -5.79 11.54
C GLN A 65 -10.73 -6.11 13.07
N ASN A 66 -11.84 -6.18 13.75
CA ASN A 66 -11.71 -6.37 15.18
C ASN A 66 -11.37 -7.78 15.57
N ALA A 67 -11.44 -8.69 14.60
CA ALA A 67 -11.17 -10.06 14.97
C ALA A 67 -9.72 -10.19 14.82
N ASN A 68 -9.11 -9.46 13.92
CA ASN A 68 -7.69 -9.65 13.84
C ASN A 68 -7.04 -9.11 15.10
N LEU A 69 -7.71 -8.09 15.70
CA LEU A 69 -7.08 -7.41 16.81
C LEU A 69 -7.12 -8.36 17.91
N ARG A 70 -8.22 -9.02 18.04
CA ARG A 70 -8.35 -9.88 19.16
C ARG A 70 -7.38 -10.99 19.00
N ALA A 71 -7.10 -11.30 17.73
CA ALA A 71 -6.17 -12.35 17.42
C ALA A 71 -4.75 -11.95 17.89
N PHE A 72 -4.14 -10.88 17.32
CA PHE A 72 -2.78 -10.38 17.72
C PHE A 72 -2.67 -10.18 19.26
N ALA A 73 -3.78 -9.80 19.90
CA ALA A 73 -3.78 -9.60 21.35
C ALA A 73 -3.59 -10.89 22.12
N ALA A 74 -4.17 -11.98 21.67
CA ALA A 74 -4.08 -13.20 22.42
C ALA A 74 -2.75 -13.87 22.13
N GLY A 75 -1.97 -13.21 21.30
CA GLY A 75 -0.63 -13.69 21.00
C GLY A 75 -0.50 -14.78 19.97
N VAL A 76 -1.25 -14.69 18.87
CA VAL A 76 -1.25 -15.72 17.85
C VAL A 76 -0.23 -15.54 16.74
N THR A 77 0.68 -16.48 16.58
CA THR A 77 1.51 -16.34 15.43
C THR A 77 0.99 -17.18 14.29
N PRO A 78 1.60 -16.94 13.15
CA PRO A 78 1.37 -17.78 11.98
C PRO A 78 1.66 -19.24 12.31
N ALA A 79 2.55 -19.48 13.27
CA ALA A 79 3.05 -20.81 13.46
C ALA A 79 1.95 -21.59 14.14
N GLN A 80 1.35 -20.89 15.08
CA GLN A 80 0.26 -21.43 15.87
C GLN A 80 -0.93 -21.65 14.93
N CYS A 81 -1.00 -20.77 13.93
CA CYS A 81 -2.08 -20.89 12.96
C CYS A 81 -1.94 -22.23 12.23
N PHE A 82 -0.75 -22.58 11.82
CA PHE A 82 -0.60 -23.86 11.11
C PHE A 82 -0.82 -25.15 11.86
N GLU A 83 -0.43 -25.08 13.13
CA GLU A 83 -0.71 -26.24 14.10
C GLU A 83 -2.20 -26.40 14.27
N MET A 84 -2.88 -25.24 14.29
CA MET A 84 -4.31 -25.28 14.41
C MET A 84 -4.86 -25.94 13.15
N LEU A 85 -4.37 -25.48 12.01
CA LEU A 85 -4.83 -26.03 10.70
C LEU A 85 -4.65 -27.52 10.70
N ALA A 86 -3.51 -27.95 11.25
CA ALA A 86 -3.12 -29.34 11.22
C ALA A 86 -4.14 -30.18 12.02
N LEU A 87 -4.50 -29.65 13.17
CA LEU A 87 -5.40 -30.46 14.09
C LEU A 87 -6.85 -30.41 13.64
N ILE A 88 -7.21 -29.29 12.97
CA ILE A 88 -8.55 -29.16 12.35
C ILE A 88 -8.65 -30.25 11.29
N ARG A 89 -7.60 -30.41 10.47
CA ARG A 89 -7.67 -31.53 9.55
C ARG A 89 -7.68 -32.93 10.13
N GLU A 90 -6.93 -33.09 11.24
CA GLU A 90 -6.77 -34.39 11.84
C GLU A 90 -8.08 -34.78 12.41
N LYS A 91 -8.90 -33.79 12.79
CA LYS A 91 -10.28 -33.98 13.26
C LYS A 91 -11.34 -34.15 12.16
N HIS A 92 -11.11 -33.60 10.97
CA HIS A 92 -12.18 -33.67 10.00
C HIS A 92 -11.52 -33.96 8.63
N PRO A 93 -11.41 -35.21 8.16
CA PRO A 93 -10.64 -35.64 7.01
C PRO A 93 -11.21 -35.17 5.64
N THR A 94 -12.52 -34.98 5.48
CA THR A 94 -13.07 -34.60 4.16
C THR A 94 -13.49 -33.11 3.93
N ILE A 95 -13.76 -32.33 4.94
CA ILE A 95 -14.18 -30.96 4.71
C ILE A 95 -13.08 -30.12 4.00
N PRO A 96 -13.43 -29.43 2.93
CA PRO A 96 -12.38 -28.60 2.23
C PRO A 96 -12.05 -27.42 3.17
N ILE A 97 -10.74 -27.12 3.26
CA ILE A 97 -10.28 -25.99 4.06
C ILE A 97 -9.55 -24.99 3.15
N GLY A 98 -10.12 -23.81 3.21
CA GLY A 98 -9.65 -22.72 2.40
C GLY A 98 -9.11 -21.53 3.21
N LEU A 99 -7.99 -21.16 2.86
CA LEU A 99 -7.39 -19.88 3.46
C LEU A 99 -7.59 -18.59 2.67
N LEU A 100 -7.84 -17.51 3.38
CA LEU A 100 -7.86 -16.17 2.76
C LEU A 100 -6.68 -15.37 3.37
N MET A 101 -5.72 -14.97 2.52
CA MET A 101 -4.36 -14.58 2.93
C MET A 101 -4.02 -13.26 2.24
N TYR A 102 -2.95 -12.59 2.68
CA TYR A 102 -2.44 -11.42 1.92
C TYR A 102 -1.07 -11.77 1.44
N ALA A 103 -0.62 -11.08 0.44
CA ALA A 103 0.59 -11.49 -0.18
C ALA A 103 1.89 -11.53 0.70
N ASN A 104 2.16 -10.51 1.55
CA ASN A 104 3.45 -10.53 2.25
C ASN A 104 3.64 -11.81 3.11
N LEU A 105 2.55 -12.36 3.61
CA LEU A 105 2.78 -13.58 4.40
C LEU A 105 3.14 -14.77 3.55
N VAL A 106 2.71 -14.76 2.29
CA VAL A 106 2.96 -15.96 1.47
C VAL A 106 4.34 -15.77 0.88
N PHE A 107 4.73 -14.49 0.74
CA PHE A 107 6.06 -14.22 0.11
C PHE A 107 7.28 -14.32 1.13
N ASN A 108 7.01 -13.95 2.37
CA ASN A 108 8.04 -13.91 3.48
C ASN A 108 9.11 -15.01 3.60
N ASN A 109 8.70 -16.25 3.84
CA ASN A 109 9.67 -17.31 3.90
C ASN A 109 9.81 -18.11 2.62
N GLY A 110 9.39 -17.54 1.51
CA GLY A 110 9.38 -18.28 0.26
C GLY A 110 7.99 -18.67 -0.08
N ILE A 111 7.57 -18.34 -1.32
CA ILE A 111 6.24 -18.70 -1.84
C ILE A 111 6.19 -20.23 -1.83
N ASP A 112 7.18 -20.82 -2.49
CA ASP A 112 7.18 -22.24 -2.50
C ASP A 112 6.98 -22.87 -1.14
N ALA A 113 7.69 -22.32 -0.17
CA ALA A 113 7.67 -22.88 1.11
C ALA A 113 6.30 -22.68 1.88
N PHE A 114 5.55 -21.62 1.56
CA PHE A 114 4.29 -21.35 2.27
C PHE A 114 3.34 -22.45 1.70
N TYR A 115 3.39 -22.67 0.40
CA TYR A 115 2.47 -23.67 -0.08
C TYR A 115 2.91 -25.11 0.32
N ALA A 116 4.19 -25.34 0.52
CA ALA A 116 4.57 -26.63 1.12
C ALA A 116 3.99 -26.82 2.57
N ARG A 117 4.09 -25.80 3.35
CA ARG A 117 3.52 -25.90 4.67
C ARG A 117 2.02 -26.12 4.66
N CYS A 118 1.28 -25.50 3.69
CA CYS A 118 -0.23 -25.72 3.66
C CYS A 118 -0.57 -27.19 3.29
N GLU A 119 0.14 -27.69 2.27
CA GLU A 119 -0.07 -29.04 1.86
C GLU A 119 0.27 -29.98 3.07
N GLN A 120 1.32 -29.68 3.88
CA GLN A 120 1.68 -30.61 4.97
C GLN A 120 0.62 -30.66 6.06
N VAL A 121 -0.06 -29.55 6.37
CA VAL A 121 -1.17 -29.51 7.33
C VAL A 121 -2.54 -29.86 6.72
N GLY A 122 -2.65 -30.01 5.39
CA GLY A 122 -3.87 -30.52 4.79
C GLY A 122 -4.88 -29.40 4.35
N VAL A 123 -4.38 -28.16 4.14
CA VAL A 123 -5.14 -27.02 3.53
C VAL A 123 -5.58 -27.39 2.10
N ASP A 124 -6.76 -27.08 1.62
CA ASP A 124 -7.07 -27.37 0.18
C ASP A 124 -6.96 -26.25 -0.82
N SER A 125 -7.15 -25.05 -0.39
CA SER A 125 -6.99 -23.84 -1.25
C SER A 125 -6.49 -22.59 -0.55
N VAL A 126 -5.99 -21.61 -1.33
CA VAL A 126 -5.51 -20.37 -0.81
C VAL A 126 -5.97 -19.34 -1.80
N LEU A 127 -6.66 -18.34 -1.27
CA LEU A 127 -6.91 -17.11 -2.02
C LEU A 127 -5.99 -16.01 -1.44
N VAL A 128 -5.17 -15.47 -2.35
CA VAL A 128 -4.31 -14.25 -2.03
C VAL A 128 -5.00 -13.00 -2.48
N ALA A 129 -5.65 -12.34 -1.55
CA ALA A 129 -6.54 -11.23 -1.89
C ALA A 129 -5.96 -10.00 -2.57
N ASP A 130 -4.71 -9.68 -2.36
CA ASP A 130 -4.16 -8.52 -3.01
C ASP A 130 -3.22 -8.94 -4.14
N VAL A 131 -3.48 -10.08 -4.76
CA VAL A 131 -2.72 -10.46 -5.93
C VAL A 131 -3.69 -10.57 -7.14
N PRO A 132 -3.70 -9.65 -8.12
CA PRO A 132 -4.71 -9.73 -9.17
C PRO A 132 -4.31 -10.88 -10.14
N VAL A 133 -5.19 -11.30 -11.07
CA VAL A 133 -4.76 -12.48 -11.91
C VAL A 133 -3.56 -12.24 -12.81
N GLU A 134 -3.47 -10.98 -13.15
CA GLU A 134 -2.41 -10.49 -13.96
C GLU A 134 -0.99 -10.71 -13.34
N GLU A 135 -0.88 -10.75 -12.03
CA GLU A 135 0.35 -10.96 -11.32
C GLU A 135 0.41 -12.28 -10.57
N SER A 136 -0.49 -13.25 -10.93
CA SER A 136 -0.64 -14.40 -10.03
C SER A 136 0.22 -15.54 -10.41
N ALA A 137 0.91 -15.46 -11.54
CA ALA A 137 1.68 -16.69 -11.92
C ALA A 137 2.51 -17.44 -10.89
N PRO A 138 3.47 -16.80 -10.17
CA PRO A 138 4.27 -17.49 -9.22
C PRO A 138 3.47 -18.06 -8.08
N PHE A 139 2.34 -17.43 -7.70
CA PHE A 139 1.52 -18.00 -6.59
C PHE A 139 0.75 -19.23 -7.13
N ARG A 140 0.12 -19.12 -8.30
CA ARG A 140 -0.66 -20.27 -8.87
C ARG A 140 0.20 -21.46 -9.14
N GLN A 141 1.44 -21.18 -9.49
CA GLN A 141 2.37 -22.22 -9.91
C GLN A 141 2.77 -23.00 -8.64
N ALA A 142 3.24 -22.24 -7.68
CA ALA A 142 3.52 -22.79 -6.34
C ALA A 142 2.41 -23.62 -5.75
N ALA A 143 1.17 -23.10 -5.84
CA ALA A 143 -0.04 -23.73 -5.23
C ALA A 143 -0.17 -25.10 -5.85
N LEU A 144 -0.19 -25.10 -7.20
CA LEU A 144 -0.41 -26.32 -7.94
C LEU A 144 0.72 -27.32 -7.75
N ARG A 145 1.96 -26.84 -7.69
CA ARG A 145 3.03 -27.85 -7.37
C ARG A 145 2.81 -28.56 -6.04
N HIS A 146 2.03 -27.96 -5.13
CA HIS A 146 1.86 -28.61 -3.80
C HIS A 146 0.46 -29.11 -3.61
N ASN A 147 -0.23 -29.29 -4.71
CA ASN A 147 -1.57 -29.81 -4.74
C ASN A 147 -2.57 -28.80 -4.07
N ILE A 148 -2.29 -27.51 -4.11
CA ILE A 148 -3.19 -26.57 -3.40
C ILE A 148 -3.95 -25.87 -4.49
N ALA A 149 -5.26 -25.69 -4.35
CA ALA A 149 -6.05 -24.93 -5.37
C ALA A 149 -5.86 -23.44 -5.20
N PRO A 150 -5.41 -22.77 -6.27
CA PRO A 150 -5.34 -21.31 -6.26
C PRO A 150 -6.73 -20.70 -6.51
N ILE A 151 -7.15 -19.80 -5.61
CA ILE A 151 -8.50 -19.17 -5.75
C ILE A 151 -8.42 -17.76 -6.25
N PHE A 152 -9.34 -17.41 -7.14
CA PHE A 152 -9.52 -16.07 -7.65
C PHE A 152 -10.84 -15.43 -7.37
N ILE A 153 -10.76 -14.14 -7.08
CA ILE A 153 -11.92 -13.34 -6.99
C ILE A 153 -12.41 -12.87 -8.34
N CYS A 154 -13.68 -13.10 -8.61
CA CYS A 154 -14.36 -12.60 -9.79
C CYS A 154 -15.21 -11.43 -9.25
N PRO A 155 -14.81 -10.19 -9.51
CA PRO A 155 -15.57 -8.99 -9.12
C PRO A 155 -16.85 -8.77 -9.95
N PRO A 156 -17.67 -7.91 -9.37
CA PRO A 156 -18.87 -7.38 -10.02
C PRO A 156 -18.46 -6.57 -11.24
N ASN A 157 -17.38 -5.72 -11.14
CA ASN A 157 -16.84 -4.97 -12.31
C ASN A 157 -16.01 -5.84 -13.30
N ALA A 158 -16.16 -7.19 -13.28
CA ALA A 158 -15.50 -8.12 -14.24
C ALA A 158 -15.98 -7.84 -15.61
N ASP A 159 -15.08 -8.05 -16.58
CA ASP A 159 -15.39 -7.94 -18.00
C ASP A 159 -15.10 -9.31 -18.54
N ASP A 160 -15.25 -9.50 -19.82
CA ASP A 160 -14.98 -10.79 -20.44
C ASP A 160 -13.60 -11.43 -20.35
N ASP A 161 -12.59 -10.64 -20.63
CA ASP A 161 -11.24 -11.14 -20.56
C ASP A 161 -10.90 -11.72 -19.16
N LEU A 162 -11.35 -10.98 -18.16
CA LEU A 162 -11.29 -11.34 -16.77
C LEU A 162 -11.96 -12.70 -16.49
N LEU A 163 -13.22 -12.91 -16.95
CA LEU A 163 -13.83 -14.20 -16.61
C LEU A 163 -13.09 -15.24 -17.20
N ARG A 164 -12.69 -15.08 -18.46
CA ARG A 164 -11.90 -16.14 -19.10
C ARG A 164 -10.60 -16.54 -18.38
N GLN A 165 -9.86 -15.56 -17.86
CA GLN A 165 -8.67 -15.85 -17.09
C GLN A 165 -9.01 -16.51 -15.78
N VAL A 166 -10.01 -15.96 -15.17
CA VAL A 166 -10.42 -16.59 -13.91
C VAL A 166 -10.79 -18.09 -14.12
N ALA A 167 -11.53 -18.32 -15.19
CA ALA A 167 -11.95 -19.70 -15.47
C ALA A 167 -10.80 -20.54 -15.71
N SER A 168 -9.95 -19.98 -16.49
CA SER A 168 -8.82 -20.76 -16.89
C SER A 168 -7.79 -21.07 -15.78
N TYR A 169 -7.55 -20.15 -14.84
CA TYR A 169 -6.51 -20.32 -13.81
C TYR A 169 -6.93 -20.83 -12.37
N GLY A 170 -8.17 -20.60 -11.93
CA GLY A 170 -8.59 -21.03 -10.62
C GLY A 170 -8.95 -22.49 -10.63
N ARG A 171 -8.93 -23.12 -9.44
CA ARG A 171 -9.28 -24.51 -9.28
C ARG A 171 -10.02 -24.50 -7.97
N GLY A 172 -10.76 -25.56 -7.72
CA GLY A 172 -11.57 -25.78 -6.47
C GLY A 172 -12.83 -24.98 -6.39
N TYR A 173 -12.74 -23.61 -6.33
CA TYR A 173 -13.94 -22.83 -6.43
C TYR A 173 -13.62 -21.46 -6.93
N THR A 174 -14.59 -20.78 -7.44
CA THR A 174 -14.39 -19.41 -7.77
C THR A 174 -15.00 -18.53 -6.71
N TYR A 175 -14.31 -17.48 -6.21
CA TYR A 175 -14.86 -16.50 -5.24
C TYR A 175 -15.65 -15.37 -5.97
N LEU A 176 -16.99 -15.46 -5.95
CA LEU A 176 -17.96 -14.49 -6.57
C LEU A 176 -18.36 -13.43 -5.55
N LEU A 177 -17.69 -12.30 -5.67
CA LEU A 177 -17.79 -11.22 -4.76
C LEU A 177 -19.13 -10.48 -4.84
N SER A 178 -19.87 -10.30 -3.77
CA SER A 178 -21.15 -9.50 -3.92
C SER A 178 -20.66 -8.01 -4.13
N LEU A 193 -26.10 -10.92 -10.83
CA LEU A 193 -24.91 -11.76 -10.72
C LEU A 193 -25.15 -13.00 -11.58
N HIS A 194 -26.41 -13.22 -11.90
CA HIS A 194 -26.82 -14.36 -12.70
C HIS A 194 -26.03 -14.54 -13.97
N HIS A 195 -25.93 -13.46 -14.73
CA HIS A 195 -25.19 -13.52 -15.97
C HIS A 195 -23.73 -13.87 -15.71
N LEU A 196 -23.14 -13.32 -14.64
CA LEU A 196 -21.74 -13.62 -14.42
C LEU A 196 -21.66 -15.09 -14.11
N ILE A 197 -22.66 -15.55 -13.40
CA ILE A 197 -22.67 -16.97 -13.12
C ILE A 197 -22.75 -17.81 -14.36
N GLU A 198 -23.58 -17.44 -15.30
CA GLU A 198 -23.64 -18.24 -16.58
C GLU A 198 -22.36 -18.27 -17.41
N LYS A 199 -21.76 -17.10 -17.53
CA LYS A 199 -20.48 -16.96 -18.23
C LYS A 199 -19.36 -17.88 -17.62
N LEU A 200 -19.26 -17.84 -16.25
CA LEU A 200 -18.36 -18.71 -15.55
C LEU A 200 -18.59 -20.16 -15.90
N LYS A 201 -19.84 -20.58 -15.86
CA LYS A 201 -20.13 -21.94 -16.23
C LYS A 201 -19.82 -22.24 -17.74
N GLU A 202 -20.23 -21.30 -18.59
CA GLU A 202 -19.92 -21.40 -20.02
C GLU A 202 -18.40 -21.62 -20.27
N TYR A 203 -17.52 -20.98 -19.48
CA TYR A 203 -16.07 -21.26 -19.61
C TYR A 203 -15.58 -22.35 -18.69
N HIS A 204 -16.48 -23.07 -18.06
CA HIS A 204 -16.02 -24.20 -17.32
C HIS A 204 -15.12 -23.77 -16.11
N ALA A 205 -15.38 -22.63 -15.59
CA ALA A 205 -14.67 -22.18 -14.32
C ALA A 205 -14.97 -23.11 -13.11
N ALA A 206 -14.09 -23.13 -12.11
CA ALA A 206 -14.41 -23.77 -10.87
C ALA A 206 -15.75 -23.23 -10.28
N PRO A 207 -16.55 -24.12 -9.65
CA PRO A 207 -17.92 -23.79 -9.15
C PRO A 207 -17.90 -22.50 -8.35
N ALA A 208 -18.84 -21.62 -8.60
CA ALA A 208 -18.78 -20.33 -7.93
C ALA A 208 -19.41 -20.36 -6.46
N LEU A 209 -18.68 -19.80 -5.52
CA LEU A 209 -19.24 -19.51 -4.19
C LEU A 209 -19.43 -17.98 -4.05
N GLN A 210 -20.67 -17.53 -3.71
CA GLN A 210 -20.88 -16.11 -3.52
C GLN A 210 -20.57 -15.62 -2.12
N GLY A 211 -19.73 -14.62 -2.07
CA GLY A 211 -19.23 -14.03 -0.83
C GLY A 211 -19.33 -12.55 -0.72
N PHE A 212 -19.48 -12.10 0.52
CA PHE A 212 -19.64 -10.67 0.92
C PHE A 212 -21.08 -10.38 1.20
N GLY A 213 -21.33 -10.00 2.41
CA GLY A 213 -22.72 -9.59 2.63
C GLY A 213 -23.76 -10.69 2.86
N ILE A 214 -23.35 -11.93 3.02
CA ILE A 214 -24.33 -13.01 3.22
C ILE A 214 -24.58 -13.16 4.67
N SER A 215 -25.78 -12.77 5.13
CA SER A 215 -26.04 -12.92 6.48
C SER A 215 -27.45 -13.45 6.85
N SER A 216 -28.28 -13.86 5.90
CA SER A 216 -29.63 -14.36 6.24
C SER A 216 -29.94 -15.58 5.32
N PRO A 217 -30.76 -16.52 5.76
CA PRO A 217 -31.12 -17.65 4.92
C PRO A 217 -31.62 -17.26 3.55
N GLU A 218 -32.37 -16.17 3.42
CA GLU A 218 -32.85 -15.95 2.06
C GLU A 218 -31.74 -15.67 1.09
N GLN A 219 -30.66 -15.05 1.56
CA GLN A 219 -29.58 -14.89 0.66
C GLN A 219 -28.83 -16.14 0.26
N VAL A 220 -28.70 -17.14 1.10
CA VAL A 220 -28.12 -18.36 0.59
C VAL A 220 -29.05 -19.00 -0.52
N SER A 221 -30.39 -19.00 -0.29
CA SER A 221 -31.25 -19.60 -1.31
C SER A 221 -31.16 -18.83 -2.65
N ALA A 222 -31.19 -17.53 -2.48
CA ALA A 222 -31.07 -16.74 -3.71
C ALA A 222 -29.79 -17.10 -4.52
N ALA A 223 -28.64 -17.22 -3.87
CA ALA A 223 -27.39 -17.68 -4.48
C ALA A 223 -27.50 -19.05 -5.19
N VAL A 224 -28.10 -20.05 -4.52
CA VAL A 224 -28.24 -21.35 -5.17
C VAL A 224 -29.18 -21.26 -6.36
N ARG A 225 -30.24 -20.51 -6.17
CA ARG A 225 -31.21 -20.41 -7.23
C ARG A 225 -30.62 -19.74 -8.50
N ALA A 226 -29.74 -18.76 -8.27
CA ALA A 226 -29.09 -18.08 -9.36
C ALA A 226 -28.07 -18.97 -10.07
N GLY A 227 -27.75 -20.15 -9.57
CA GLY A 227 -26.72 -20.97 -10.22
C GLY A 227 -25.32 -21.17 -9.50
N ALA A 228 -25.03 -20.34 -8.45
CA ALA A 228 -23.80 -20.41 -7.56
C ALA A 228 -23.80 -21.75 -6.95
N ALA A 229 -22.65 -22.28 -6.66
CA ALA A 229 -22.63 -23.62 -6.19
C ALA A 229 -22.80 -23.49 -4.65
N GLY A 230 -22.74 -22.29 -4.08
CA GLY A 230 -22.95 -22.09 -2.65
C GLY A 230 -22.66 -20.60 -2.22
N ALA A 231 -22.54 -20.33 -0.87
CA ALA A 231 -22.37 -19.04 -0.30
C ALA A 231 -21.41 -19.08 0.89
N ILE A 232 -20.60 -17.98 0.97
CA ILE A 232 -19.62 -17.81 2.05
C ILE A 232 -20.14 -16.70 3.01
N SER A 233 -20.22 -17.03 4.29
CA SER A 233 -20.72 -16.08 5.31
C SER A 233 -19.61 -15.78 6.35
N GLY A 234 -19.12 -14.56 6.45
CA GLY A 234 -17.97 -14.26 7.36
C GLY A 234 -18.34 -13.13 8.38
N SER A 235 -18.67 -11.93 7.91
CA SER A 235 -19.13 -10.94 8.95
C SER A 235 -20.26 -11.36 9.89
N ALA A 236 -21.28 -12.04 9.42
CA ALA A 236 -22.33 -12.48 10.29
C ALA A 236 -21.79 -13.40 11.36
N ILE A 237 -20.92 -14.40 11.05
CA ILE A 237 -20.38 -15.35 12.02
C ILE A 237 -19.63 -14.64 13.11
N VAL A 238 -18.65 -13.91 12.63
CA VAL A 238 -17.77 -13.09 13.40
C VAL A 238 -18.55 -12.10 14.29
N LYS A 239 -19.74 -11.63 13.91
CA LYS A 239 -20.47 -10.70 14.79
C LYS A 239 -21.08 -11.51 15.89
N ILE A 240 -21.53 -12.72 15.58
CA ILE A 240 -22.00 -13.52 16.64
C ILE A 240 -20.83 -13.69 17.70
N ILE A 241 -19.58 -13.85 17.26
CA ILE A 241 -18.49 -14.06 18.22
C ILE A 241 -18.30 -12.71 19.03
N GLU A 242 -18.12 -11.59 18.32
CA GLU A 242 -17.97 -10.29 19.00
C GLU A 242 -19.03 -10.05 20.14
N LYS A 243 -20.28 -10.19 19.78
CA LYS A 243 -21.42 -9.95 20.63
C LYS A 243 -21.42 -10.86 21.84
N ASN A 244 -20.62 -11.90 21.81
CA ASN A 244 -20.82 -12.93 22.81
C ASN A 244 -19.59 -13.30 23.55
N LEU A 245 -18.56 -12.48 23.45
CA LEU A 245 -17.32 -12.75 24.13
C LEU A 245 -17.42 -13.22 25.60
N ALA A 246 -18.48 -12.84 26.35
CA ALA A 246 -18.56 -13.23 27.74
C ALA A 246 -19.53 -14.31 27.99
N SER A 247 -20.05 -14.94 26.97
CA SER A 247 -20.89 -16.06 27.27
C SER A 247 -20.68 -17.10 26.19
N PRO A 248 -19.45 -17.64 26.24
CA PRO A 248 -18.99 -18.73 25.37
C PRO A 248 -20.10 -19.70 25.15
N LYS A 249 -20.84 -20.08 26.18
CA LYS A 249 -21.88 -21.10 25.96
C LYS A 249 -22.99 -20.67 24.94
N GLN A 250 -23.39 -19.43 25.10
CA GLN A 250 -24.44 -18.88 24.36
C GLN A 250 -23.90 -18.61 22.93
N MET A 251 -22.66 -18.17 22.86
CA MET A 251 -22.02 -17.87 21.60
C MET A 251 -22.03 -19.15 20.75
N LEU A 252 -21.71 -20.24 21.39
CA LEU A 252 -21.68 -21.49 20.67
C LEU A 252 -23.09 -21.87 20.29
N ALA A 253 -24.05 -21.61 21.20
CA ALA A 253 -25.41 -21.94 20.94
C ALA A 253 -25.93 -21.11 19.74
N GLU A 254 -25.52 -19.86 19.69
CA GLU A 254 -25.94 -18.98 18.62
C GLU A 254 -25.36 -19.45 17.25
N LEU A 255 -24.08 -19.83 17.23
CA LEU A 255 -23.42 -20.24 15.99
C LEU A 255 -24.18 -21.42 15.48
N ARG A 256 -24.50 -22.37 16.40
CA ARG A 256 -25.13 -23.55 15.99
C ARG A 256 -26.48 -23.27 15.35
N SER A 257 -27.33 -22.38 15.94
CA SER A 257 -28.62 -22.13 15.29
C SER A 257 -28.44 -21.44 13.95
N PHE A 258 -27.57 -20.48 13.93
CA PHE A 258 -27.24 -19.73 12.69
C PHE A 258 -26.73 -20.64 11.58
N VAL A 259 -25.63 -21.34 11.84
CA VAL A 259 -25.19 -22.26 10.83
C VAL A 259 -26.25 -23.23 10.37
N SER A 260 -27.04 -23.81 11.31
CA SER A 260 -27.96 -24.80 10.92
C SER A 260 -29.04 -24.23 9.95
N ALA A 261 -29.39 -23.01 10.20
CA ALA A 261 -30.47 -22.42 9.42
C ALA A 261 -29.94 -22.03 8.06
N MET A 262 -28.78 -21.38 8.03
CA MET A 262 -28.17 -21.07 6.72
C MET A 262 -28.00 -22.30 5.90
N LYS A 263 -27.62 -23.43 6.53
CA LYS A 263 -27.38 -24.59 5.76
C LYS A 263 -28.72 -25.14 5.31
N ALA A 264 -29.75 -25.14 6.19
CA ALA A 264 -31.08 -25.57 5.66
C ALA A 264 -31.49 -24.82 4.37
N ALA A 265 -31.19 -23.52 4.33
CA ALA A 265 -31.59 -22.66 3.15
C ALA A 265 -30.80 -23.00 1.95
N SER A 266 -29.75 -23.84 2.05
CA SER A 266 -29.10 -24.26 0.83
C SER A 266 -29.74 -25.38 -0.02
N ARG A 267 -30.80 -25.98 0.48
CA ARG A 267 -31.59 -26.97 -0.35
C ARG A 267 -32.38 -26.41 -1.59
N THR B 1 -3.83 -6.15 -19.38
CA THR B 1 -2.43 -6.00 -19.67
C THR B 1 -2.17 -4.57 -19.24
N THR B 2 -0.96 -4.02 -19.46
CA THR B 2 -0.81 -2.56 -19.25
C THR B 2 -0.05 -1.99 -20.43
N LEU B 3 0.03 -0.66 -20.52
CA LEU B 3 0.69 -0.06 -21.68
C LEU B 3 2.17 0.12 -21.42
N LEU B 4 2.51 0.11 -20.14
CA LEU B 4 3.89 0.42 -19.74
C LEU B 4 4.27 -0.72 -18.82
N ASN B 5 5.60 -0.92 -18.68
CA ASN B 5 6.03 -2.08 -17.86
C ASN B 5 5.81 -1.69 -16.37
N PRO B 6 5.09 -2.43 -15.63
CA PRO B 6 4.80 -2.05 -14.24
C PRO B 6 5.98 -2.32 -13.28
N TYR B 7 7.04 -2.92 -13.76
CA TYR B 7 8.19 -3.30 -12.92
C TYR B 7 9.50 -2.63 -13.37
N PHE B 8 10.31 -2.37 -12.37
CA PHE B 8 11.65 -1.80 -12.52
C PHE B 8 12.57 -3.02 -12.19
N GLY B 9 13.02 -3.75 -13.22
CA GLY B 9 13.74 -5.03 -12.91
C GLY B 9 12.76 -5.97 -12.23
N GLU B 10 13.08 -6.38 -11.03
CA GLU B 10 12.15 -7.18 -10.25
C GLU B 10 11.23 -6.46 -9.31
N PHE B 11 11.32 -5.15 -9.23
CA PHE B 11 10.59 -4.48 -8.19
C PHE B 11 9.41 -3.83 -8.73
N GLY B 12 8.38 -3.60 -7.89
CA GLY B 12 7.27 -2.79 -8.42
C GLY B 12 6.00 -3.65 -8.64
N GLY B 13 5.39 -3.65 -9.83
CA GLY B 13 4.11 -4.46 -9.92
C GLY B 13 2.84 -3.75 -9.39
N MET B 14 1.73 -4.53 -9.42
CA MET B 14 0.43 -4.00 -9.01
C MET B 14 -0.21 -4.92 -8.10
N TYR B 15 0.30 -5.02 -6.91
CA TYR B 15 -0.28 -5.90 -5.92
C TYR B 15 -1.48 -5.34 -5.16
N VAL B 16 -2.66 -5.26 -5.84
CA VAL B 16 -3.85 -4.82 -5.25
C VAL B 16 -4.94 -5.89 -5.56
N PRO B 17 -6.04 -5.87 -4.83
CA PRO B 17 -7.16 -6.74 -5.19
C PRO B 17 -7.65 -6.46 -6.59
N GLN B 18 -8.18 -7.52 -7.18
CA GLN B 18 -8.73 -7.44 -8.53
C GLN B 18 -9.68 -6.32 -8.78
N ILE B 19 -10.57 -6.06 -7.82
CA ILE B 19 -11.48 -4.98 -7.94
C ILE B 19 -10.87 -3.57 -8.25
N LEU B 20 -9.59 -3.22 -7.88
CA LEU B 20 -8.95 -1.98 -8.20
C LEU B 20 -8.16 -2.00 -9.45
N MET B 21 -8.02 -3.17 -10.15
CA MET B 21 -7.28 -3.15 -11.49
C MET B 21 -7.85 -2.18 -12.59
N PRO B 22 -9.16 -2.17 -12.79
CA PRO B 22 -9.71 -1.20 -13.77
C PRO B 22 -9.37 0.23 -13.33
N ALA B 23 -9.35 0.56 -12.07
CA ALA B 23 -8.90 1.97 -11.70
C ALA B 23 -7.42 2.28 -11.99
N LEU B 24 -6.56 1.33 -11.83
CA LEU B 24 -5.16 1.50 -12.19
C LEU B 24 -5.00 1.52 -13.68
N ASN B 25 -5.82 0.76 -14.42
CA ASN B 25 -5.62 0.70 -15.88
C ASN B 25 -6.16 1.99 -16.38
N GLN B 26 -7.25 2.46 -15.83
CA GLN B 26 -7.73 3.79 -16.29
C GLN B 26 -6.69 4.94 -16.05
N LEU B 27 -6.05 4.95 -14.90
CA LEU B 27 -5.07 6.01 -14.63
C LEU B 27 -3.85 5.96 -15.53
N GLU B 28 -3.35 4.77 -15.78
CA GLU B 28 -2.18 4.56 -16.58
C GLU B 28 -2.55 5.07 -17.98
N GLU B 29 -3.76 4.69 -18.44
CA GLU B 29 -4.17 5.05 -19.82
C GLU B 29 -4.29 6.56 -19.79
N ALA B 30 -4.96 7.12 -18.83
CA ALA B 30 -5.00 8.61 -18.90
C ALA B 30 -3.62 9.40 -18.82
N PHE B 31 -2.60 8.80 -18.14
CA PHE B 31 -1.40 9.50 -17.92
C PHE B 31 -0.66 9.39 -19.26
N VAL B 32 -0.78 8.20 -19.79
CA VAL B 32 -0.08 8.00 -21.06
C VAL B 32 -0.60 9.04 -22.13
N SER B 33 -1.93 9.15 -22.26
CA SER B 33 -2.59 10.27 -23.00
C SER B 33 -2.14 11.73 -22.74
N ALA B 34 -2.13 12.10 -21.48
CA ALA B 34 -1.81 13.43 -21.06
C ALA B 34 -0.34 13.76 -21.46
N GLN B 35 0.57 12.78 -21.33
CA GLN B 35 2.01 12.97 -21.58
C GLN B 35 2.22 13.32 -23.07
N LYS B 36 1.29 12.90 -23.92
CA LYS B 36 1.35 13.26 -25.34
C LYS B 36 0.41 14.43 -25.74
N ASP B 37 -0.31 15.10 -24.79
CA ASP B 37 -1.28 16.17 -25.11
C ASP B 37 -0.72 17.55 -24.76
N PRO B 38 -0.48 18.36 -25.82
CA PRO B 38 0.21 19.65 -25.65
C PRO B 38 -0.58 20.47 -24.74
N GLU B 39 -1.89 20.33 -24.82
CA GLU B 39 -2.70 21.19 -24.01
C GLU B 39 -2.52 20.79 -22.49
N PHE B 40 -2.39 19.51 -22.24
CA PHE B 40 -2.18 19.14 -20.83
C PHE B 40 -0.82 19.68 -20.31
N GLN B 41 0.22 19.61 -21.18
CA GLN B 41 1.55 20.13 -20.90
C GLN B 41 1.53 21.63 -20.53
N ALA B 42 0.84 22.42 -21.41
CA ALA B 42 0.72 23.84 -21.27
C ALA B 42 -0.03 24.18 -19.92
N GLN B 43 -1.07 23.45 -19.66
CA GLN B 43 -1.81 23.60 -18.47
C GLN B 43 -0.98 23.26 -17.14
N PHE B 44 -0.20 22.18 -17.16
CA PHE B 44 0.58 21.82 -16.02
C PHE B 44 1.67 22.88 -15.83
N ALA B 45 2.28 23.25 -16.94
CA ALA B 45 3.21 24.35 -16.96
C ALA B 45 2.74 25.72 -16.35
N ASP B 46 1.54 26.12 -16.74
CA ASP B 46 0.91 27.29 -16.26
C ASP B 46 0.79 27.18 -14.72
N LEU B 47 0.21 26.10 -14.20
CA LEU B 47 0.17 25.95 -12.70
C LEU B 47 1.52 26.05 -11.99
N LEU B 48 2.42 25.21 -12.48
CA LEU B 48 3.80 25.33 -11.98
C LEU B 48 4.38 26.67 -11.81
N LYS B 49 4.33 27.42 -12.94
CA LYS B 49 4.97 28.70 -13.04
C LYS B 49 4.18 29.82 -12.34
N ASN B 50 2.93 29.93 -12.59
CA ASN B 50 2.20 31.17 -12.15
C ASN B 50 1.48 30.95 -10.79
N TYR B 51 1.38 29.73 -10.50
CA TYR B 51 0.83 29.30 -9.14
C TYR B 51 1.79 28.80 -8.13
N ALA B 52 2.62 27.82 -8.47
CA ALA B 52 3.54 27.24 -7.47
C ALA B 52 4.90 27.99 -7.32
N GLY B 53 5.27 28.81 -8.31
CA GLY B 53 6.51 29.67 -8.41
C GLY B 53 7.76 29.07 -9.10
N ARG B 54 7.56 28.07 -10.02
CA ARG B 54 8.72 27.46 -10.70
C ARG B 54 9.18 28.45 -11.73
N PRO B 55 10.44 28.43 -12.15
CA PRO B 55 11.48 27.54 -11.64
C PRO B 55 11.98 27.83 -10.21
N THR B 56 12.51 26.93 -9.51
CA THR B 56 13.01 27.41 -8.28
C THR B 56 14.53 27.67 -8.41
N ALA B 57 14.99 28.51 -7.53
CA ALA B 57 16.41 29.00 -7.36
C ALA B 57 17.34 27.69 -7.08
N LEU B 58 18.55 27.86 -7.57
CA LEU B 58 19.70 27.03 -7.26
C LEU B 58 20.77 27.90 -6.48
N THR B 59 20.92 27.72 -5.13
CA THR B 59 21.71 28.75 -4.47
C THR B 59 23.11 28.15 -4.19
N LYS B 60 24.19 28.90 -4.39
CA LYS B 60 25.54 28.47 -3.85
C LYS B 60 25.77 28.84 -2.45
N CYS B 61 26.55 28.00 -1.83
CA CYS B 61 26.74 28.07 -0.42
C CYS B 61 28.19 28.29 -0.06
N GLN B 62 28.84 29.37 -0.54
CA GLN B 62 30.26 29.54 -0.06
C GLN B 62 30.55 29.68 1.45
N ASN B 63 29.70 30.28 2.27
CA ASN B 63 29.94 30.34 3.66
C ASN B 63 30.07 28.94 4.22
N ILE B 64 29.44 27.93 3.60
CA ILE B 64 29.59 26.60 4.19
C ILE B 64 30.86 25.96 3.65
N THR B 65 31.27 26.21 2.36
CA THR B 65 32.36 25.39 1.90
C THR B 65 33.74 26.10 2.01
N ALA B 66 33.72 27.32 2.52
CA ALA B 66 35.00 28.05 2.70
C ALA B 66 36.08 27.19 3.29
N GLY B 67 37.21 27.28 2.58
CA GLY B 67 38.42 26.55 3.07
C GLY B 67 38.57 25.13 2.52
N THR B 68 37.57 24.65 1.76
CA THR B 68 37.66 23.26 1.21
C THR B 68 37.69 23.41 -0.29
N ARG B 69 37.72 22.32 -1.08
CA ARG B 69 37.72 22.37 -2.45
C ARG B 69 36.27 21.87 -2.84
N THR B 70 35.28 21.79 -1.91
CA THR B 70 33.87 21.50 -2.49
C THR B 70 33.09 22.80 -2.95
N THR B 71 32.18 22.80 -3.97
CA THR B 71 31.33 23.88 -4.22
C THR B 71 30.00 23.18 -4.03
N LEU B 72 29.11 23.79 -3.22
CA LEU B 72 27.83 23.17 -2.96
C LEU B 72 26.73 24.10 -3.44
N TYR B 73 25.73 23.51 -4.16
CA TYR B 73 24.58 24.29 -4.50
C TYR B 73 23.40 23.54 -3.87
N LEU B 74 22.39 24.34 -3.44
CA LEU B 74 21.12 23.78 -3.03
C LEU B 74 19.94 24.14 -4.01
N LYS B 75 19.30 23.07 -4.45
CA LYS B 75 18.09 23.23 -5.29
C LYS B 75 16.98 23.61 -4.41
N ARG B 76 16.37 24.83 -4.64
CA ARG B 76 15.45 25.42 -3.57
C ARG B 76 13.92 25.04 -3.66
N GLU B 77 13.58 23.82 -3.43
CA GLU B 77 12.24 23.35 -3.47
C GLU B 77 11.56 23.89 -2.19
N ASP B 78 12.34 24.43 -1.23
CA ASP B 78 11.71 24.97 -0.01
C ASP B 78 11.11 26.32 -0.34
N LEU B 79 11.35 26.89 -1.54
CA LEU B 79 10.68 28.14 -1.89
C LEU B 79 9.45 27.84 -2.76
N LEU B 80 9.20 26.58 -3.12
CA LEU B 80 7.86 26.31 -3.76
C LEU B 80 6.60 26.65 -2.94
N HIS B 81 5.51 27.02 -3.62
CA HIS B 81 4.21 27.26 -2.87
C HIS B 81 3.99 26.11 -2.03
N GLY B 82 3.75 26.36 -0.76
CA GLY B 82 3.59 25.24 0.10
C GLY B 82 4.84 24.82 0.89
N GLY B 83 6.08 25.20 0.55
CA GLY B 83 7.30 24.88 1.32
C GLY B 83 7.90 23.56 1.06
N ALA B 84 7.36 22.71 0.14
CA ALA B 84 8.01 21.43 -0.20
C ALA B 84 7.80 21.04 -1.61
N HIS B 85 8.62 20.11 -2.07
CA HIS B 85 8.47 19.58 -3.46
C HIS B 85 7.11 18.84 -3.74
N LYS B 86 6.40 18.29 -2.72
CA LYS B 86 5.11 17.53 -2.88
C LYS B 86 4.14 18.33 -3.76
N THR B 87 4.22 19.67 -3.80
CA THR B 87 3.24 20.50 -4.48
C THR B 87 3.36 20.29 -5.97
N ASN B 88 4.59 20.04 -6.42
CA ASN B 88 4.68 19.68 -7.86
C ASN B 88 3.73 18.57 -8.40
N GLN B 89 3.83 17.38 -7.76
CA GLN B 89 3.14 16.20 -8.22
C GLN B 89 1.68 16.24 -7.78
N VAL B 90 1.32 16.82 -6.61
CA VAL B 90 -0.15 16.87 -6.38
C VAL B 90 -0.85 17.74 -7.46
N LEU B 91 -0.18 18.79 -8.02
CA LEU B 91 -0.77 19.64 -9.09
C LEU B 91 -1.06 18.80 -10.32
N GLY B 92 -0.05 18.00 -10.79
CA GLY B 92 -0.11 17.07 -11.97
C GLY B 92 -1.15 16.04 -11.73
N GLN B 93 -1.22 15.47 -10.57
CA GLN B 93 -2.30 14.46 -10.32
C GLN B 93 -3.69 15.06 -10.21
N ALA B 94 -3.76 16.31 -9.79
CA ALA B 94 -5.06 16.91 -9.72
C ALA B 94 -5.56 17.19 -11.18
N LEU B 95 -4.68 17.63 -12.07
CA LEU B 95 -5.05 17.88 -13.46
C LEU B 95 -5.45 16.59 -14.13
N LEU B 96 -4.80 15.46 -13.81
CA LEU B 96 -5.15 14.14 -14.39
C LEU B 96 -6.52 13.77 -13.83
N ALA B 97 -6.72 14.04 -12.56
CA ALA B 97 -8.00 13.65 -12.04
C ALA B 97 -9.07 14.36 -12.95
N LYS B 98 -8.86 15.61 -13.24
CA LYS B 98 -9.84 16.36 -14.11
C LYS B 98 -9.91 15.79 -15.48
N ARG B 99 -8.80 15.27 -16.04
CA ARG B 99 -8.93 14.75 -17.40
C ARG B 99 -9.72 13.48 -17.38
N MET B 100 -9.75 12.85 -16.27
CA MET B 100 -10.56 11.65 -16.30
C MET B 100 -11.97 11.95 -15.85
N GLY B 101 -12.31 13.26 -15.70
CA GLY B 101 -13.68 13.72 -15.26
C GLY B 101 -14.04 13.36 -13.81
N LYS B 102 -13.04 13.28 -12.98
CA LYS B 102 -13.23 13.09 -11.63
C LYS B 102 -13.47 14.42 -11.00
N SER B 103 -14.24 14.41 -9.91
CA SER B 103 -14.67 15.57 -9.17
C SER B 103 -14.22 15.46 -7.74
N GLU B 104 -13.57 14.36 -7.39
CA GLU B 104 -13.22 14.10 -5.96
C GLU B 104 -11.77 13.53 -5.79
N ILE B 105 -11.00 14.02 -4.83
CA ILE B 105 -9.70 13.49 -4.43
C ILE B 105 -9.78 12.77 -2.98
N ILE B 106 -9.16 11.62 -2.84
CA ILE B 106 -8.98 10.92 -1.61
C ILE B 106 -7.49 10.88 -1.35
N ALA B 107 -7.08 11.09 -0.12
CA ALA B 107 -5.65 10.97 0.21
C ALA B 107 -5.47 10.44 1.64
N GLU B 108 -4.26 10.12 2.03
CA GLU B 108 -3.93 9.74 3.36
C GLU B 108 -2.70 10.51 3.75
N THR B 109 -2.52 10.71 5.04
CA THR B 109 -1.39 11.44 5.45
C THR B 109 -1.02 11.15 6.93
N GLY B 110 0.29 11.18 7.20
CA GLY B 110 0.91 10.78 8.45
C GLY B 110 1.07 11.96 9.34
N ALA B 111 2.07 12.81 9.09
CA ALA B 111 2.25 14.09 9.77
C ALA B 111 1.47 15.21 9.14
N GLY B 112 0.86 15.00 7.97
CA GLY B 112 0.03 16.10 7.48
C GLY B 112 0.58 16.80 6.28
N GLN B 113 1.84 16.53 5.92
CA GLN B 113 2.44 17.35 4.84
C GLN B 113 1.75 16.98 3.55
N HIS B 114 1.60 15.69 3.24
CA HIS B 114 0.88 15.36 2.00
C HIS B 114 -0.61 15.81 1.98
N GLY B 115 -1.21 15.75 3.16
CA GLY B 115 -2.56 16.12 3.36
C GLY B 115 -2.72 17.61 2.99
N VAL B 116 -1.88 18.51 3.52
CA VAL B 116 -1.94 19.96 3.14
C VAL B 116 -1.75 20.14 1.61
N ALA B 117 -0.81 19.38 1.12
CA ALA B 117 -0.51 19.54 -0.39
C ALA B 117 -1.75 19.15 -1.26
N SER B 118 -2.33 18.02 -0.90
CA SER B 118 -3.45 17.45 -1.65
C SER B 118 -4.60 18.44 -1.49
N ALA B 119 -4.78 18.99 -0.32
CA ALA B 119 -5.81 19.98 -0.13
C ALA B 119 -5.65 21.29 -0.89
N LEU B 120 -4.41 21.86 -0.97
CA LEU B 120 -4.28 23.08 -1.66
C LEU B 120 -4.51 22.74 -3.13
N ALA B 121 -4.08 21.62 -3.61
CA ALA B 121 -4.24 21.31 -5.11
C ALA B 121 -5.75 21.18 -5.40
N SER B 122 -6.46 20.48 -4.49
CA SER B 122 -7.91 20.30 -4.75
C SER B 122 -8.65 21.59 -4.69
N ALA B 123 -8.23 22.54 -3.79
CA ALA B 123 -8.98 23.83 -3.63
C ALA B 123 -8.83 24.60 -4.98
N LEU B 124 -7.60 24.62 -5.54
CA LEU B 124 -7.38 25.29 -6.78
C LEU B 124 -8.11 24.73 -7.92
N LEU B 125 -8.14 23.41 -8.03
CA LEU B 125 -8.74 22.89 -9.21
C LEU B 125 -10.22 22.66 -9.01
N GLY B 126 -10.79 23.10 -7.90
CA GLY B 126 -12.20 22.79 -7.74
C GLY B 126 -12.61 21.32 -7.50
N LEU B 127 -11.78 20.55 -6.79
CA LEU B 127 -12.08 19.22 -6.50
C LEU B 127 -12.53 19.12 -4.99
N LYS B 128 -13.51 18.25 -4.75
CA LYS B 128 -13.76 17.90 -3.32
C LYS B 128 -12.68 17.09 -2.78
N CYS B 129 -12.25 17.20 -1.47
CA CYS B 129 -11.07 16.44 -1.06
C CYS B 129 -11.40 15.85 0.25
N ARG B 130 -11.17 14.55 0.34
CA ARG B 130 -11.30 13.80 1.62
C ARG B 130 -10.00 13.23 2.00
N ILE B 131 -9.51 13.61 3.19
CA ILE B 131 -8.20 13.13 3.64
C ILE B 131 -8.26 12.20 4.87
N TYR B 132 -7.69 11.01 4.68
CA TYR B 132 -7.59 10.03 5.82
C TYR B 132 -6.35 10.11 6.66
N MET B 133 -6.58 10.11 7.97
CA MET B 133 -5.47 10.29 8.81
C MET B 133 -5.70 9.49 10.11
N GLY B 134 -4.66 8.71 10.50
CA GLY B 134 -4.72 7.98 11.82
C GLY B 134 -5.03 8.92 12.98
N ALA B 135 -6.01 8.57 13.82
CA ALA B 135 -6.37 9.43 14.99
C ALA B 135 -5.22 9.87 15.96
N LYS B 136 -4.18 9.04 16.08
CA LYS B 136 -3.05 9.41 16.90
C LYS B 136 -2.22 10.48 16.20
N ASP B 137 -2.19 10.43 14.88
CA ASP B 137 -1.42 11.38 14.12
C ASP B 137 -2.24 12.69 14.14
N VAL B 138 -3.58 12.57 14.11
CA VAL B 138 -4.52 13.69 14.19
C VAL B 138 -4.38 14.48 15.51
N GLU B 139 -4.17 13.81 16.66
CA GLU B 139 -4.08 14.58 17.92
C GLU B 139 -2.78 15.27 17.99
N ARG B 140 -1.77 14.70 17.35
CA ARG B 140 -0.50 15.40 17.41
C ARG B 140 -0.14 16.42 16.29
N GLN B 141 -1.04 16.58 15.33
CA GLN B 141 -0.73 17.50 14.22
C GLN B 141 -1.82 18.50 14.02
N SER B 142 -2.24 19.10 15.10
CA SER B 142 -3.29 20.07 15.06
C SER B 142 -3.19 21.20 14.02
N PRO B 143 -2.03 21.87 13.89
CA PRO B 143 -1.80 22.89 12.87
C PRO B 143 -2.09 22.35 11.42
N ASN B 144 -1.53 21.22 11.09
CA ASN B 144 -1.73 20.73 9.74
C ASN B 144 -3.22 20.42 9.49
N VAL B 145 -3.94 19.81 10.46
CA VAL B 145 -5.34 19.45 10.27
C VAL B 145 -6.15 20.69 9.97
N PHE B 146 -5.90 21.68 10.78
CA PHE B 146 -6.57 22.97 10.69
C PHE B 146 -6.26 23.66 9.31
N ARG B 147 -5.00 23.54 8.86
CA ARG B 147 -4.63 24.06 7.54
C ARG B 147 -5.45 23.26 6.47
N MET B 148 -5.56 21.95 6.56
CA MET B 148 -6.50 21.22 5.63
C MET B 148 -7.90 21.65 5.57
N ARG B 149 -8.45 21.77 6.74
CA ARG B 149 -9.82 22.26 6.79
C ARG B 149 -10.06 23.75 6.31
N LEU B 150 -9.16 24.70 6.61
CA LEU B 150 -9.21 26.06 6.09
C LEU B 150 -9.31 25.92 4.52
N MET B 151 -8.65 24.90 3.99
CA MET B 151 -8.58 24.77 2.56
C MET B 151 -9.77 23.99 1.99
N GLY B 152 -10.76 23.72 2.87
CA GLY B 152 -11.96 23.06 2.42
C GLY B 152 -11.94 21.53 2.33
N ALA B 153 -10.88 20.89 2.73
CA ALA B 153 -10.78 19.43 2.78
C ALA B 153 -11.51 18.87 4.02
N GLU B 154 -12.14 17.73 3.87
CA GLU B 154 -12.64 17.00 5.02
C GLU B 154 -11.59 16.07 5.53
N VAL B 155 -11.23 16.18 6.80
CA VAL B 155 -10.22 15.30 7.35
C VAL B 155 -10.98 14.23 8.16
N ILE B 156 -10.76 12.96 7.88
CA ILE B 156 -11.52 11.92 8.61
C ILE B 156 -10.55 11.22 9.56
N PRO B 157 -10.76 11.39 10.87
CA PRO B 157 -9.80 10.79 11.79
C PRO B 157 -10.11 9.29 11.91
N VAL B 158 -9.08 8.48 11.76
CA VAL B 158 -9.38 7.06 11.67
C VAL B 158 -9.13 6.42 13.00
N HIS B 159 -10.21 5.93 13.61
CA HIS B 159 -10.14 5.41 15.00
C HIS B 159 -9.83 3.97 15.19
N SER B 160 -10.03 3.15 14.16
CA SER B 160 -9.73 1.72 14.31
C SER B 160 -8.25 1.40 14.30
N GLY B 161 -7.94 0.10 14.52
CA GLY B 161 -6.61 -0.48 14.48
C GLY B 161 -5.64 0.15 15.43
N SER B 162 -4.41 0.35 14.97
CA SER B 162 -3.45 1.16 15.72
C SER B 162 -3.74 2.66 15.62
N ALA B 163 -4.72 3.04 14.78
CA ALA B 163 -5.12 4.47 14.54
C ALA B 163 -3.94 5.29 14.11
N THR B 164 -3.13 4.74 13.19
CA THR B 164 -1.95 5.42 12.57
C THR B 164 -1.99 5.34 11.00
N LEU B 165 -0.97 5.79 10.35
CA LEU B 165 -1.08 5.81 8.93
C LEU B 165 -1.63 4.48 8.28
N LYS B 166 -1.08 3.34 8.74
CA LYS B 166 -1.51 2.02 8.27
C LYS B 166 -2.92 2.01 7.94
N ASP B 167 -3.63 2.33 8.96
CA ASP B 167 -5.00 2.17 9.00
C ASP B 167 -5.76 3.25 8.13
N ALA B 168 -5.21 4.50 8.17
CA ALA B 168 -5.65 5.60 7.36
C ALA B 168 -5.47 5.12 5.92
N CYS B 169 -4.30 4.69 5.65
CA CYS B 169 -4.09 4.28 4.30
C CYS B 169 -4.95 3.12 3.79
N ASN B 170 -5.26 2.16 4.66
CA ASN B 170 -6.11 1.04 4.26
C ASN B 170 -7.58 1.54 4.15
N GLU B 171 -7.89 2.60 4.81
CA GLU B 171 -9.24 2.96 4.71
C GLU B 171 -9.44 3.75 3.36
N ALA B 172 -8.38 4.44 2.96
CA ALA B 172 -8.43 5.24 1.73
C ALA B 172 -8.65 4.34 0.49
N LEU B 173 -8.03 3.15 0.55
CA LEU B 173 -8.14 2.20 -0.57
C LEU B 173 -9.56 1.63 -0.66
N ARG B 174 -10.08 1.34 0.50
CA ARG B 174 -11.41 0.84 0.47
C ARG B 174 -12.45 1.86 -0.02
N ASP B 175 -12.26 3.15 0.30
CA ASP B 175 -13.13 4.18 -0.23
C ASP B 175 -12.89 4.21 -1.76
N TRP B 176 -11.62 4.23 -2.23
CA TRP B 176 -11.35 4.31 -3.66
C TRP B 176 -11.96 3.07 -4.40
N SER B 177 -11.99 1.87 -3.77
CA SER B 177 -12.59 0.71 -4.47
C SER B 177 -14.08 0.93 -4.78
N GLY B 178 -14.86 1.60 -3.93
CA GLY B 178 -16.23 1.94 -4.34
C GLY B 178 -16.53 3.27 -5.13
N SER B 179 -15.51 4.11 -5.26
CA SER B 179 -15.83 5.42 -5.83
C SER B 179 -14.92 5.87 -6.98
N TYR B 180 -14.01 4.98 -7.33
CA TYR B 180 -13.06 5.26 -8.47
C TYR B 180 -13.65 5.86 -9.68
N GLU B 181 -14.95 5.75 -10.07
CA GLU B 181 -15.53 6.49 -11.19
C GLU B 181 -15.53 7.92 -11.02
N THR B 182 -15.62 8.40 -9.81
CA THR B 182 -15.70 9.87 -9.63
C THR B 182 -14.61 10.43 -8.75
N ALA B 183 -13.80 9.57 -8.12
CA ALA B 183 -12.77 10.08 -7.18
C ALA B 183 -11.42 9.60 -7.60
N HIS B 184 -10.38 10.42 -7.40
CA HIS B 184 -9.05 9.96 -7.75
C HIS B 184 -8.25 9.75 -6.45
N TYR B 185 -7.53 8.65 -6.33
CA TYR B 185 -6.62 8.41 -5.13
C TYR B 185 -5.23 9.06 -5.36
N MET B 186 -4.90 10.09 -4.58
CA MET B 186 -3.69 10.85 -4.85
C MET B 186 -2.56 10.39 -3.98
N LEU B 187 -1.70 9.49 -4.45
CA LEU B 187 -0.69 8.95 -3.60
C LEU B 187 0.39 9.99 -3.48
N GLY B 188 0.96 9.95 -2.30
CA GLY B 188 1.92 10.95 -1.91
C GLY B 188 3.38 10.73 -2.16
N THR B 189 3.79 9.65 -2.83
CA THR B 189 5.23 9.39 -3.06
C THR B 189 5.45 8.50 -4.22
N ALA B 190 6.73 8.25 -4.65
CA ALA B 190 7.02 7.43 -5.80
C ALA B 190 7.05 5.90 -5.51
N ALA B 191 5.98 5.42 -4.93
CA ALA B 191 5.94 4.06 -4.41
C ALA B 191 4.39 3.66 -4.65
N GLY B 192 4.07 2.50 -4.27
CA GLY B 192 2.74 2.04 -4.47
C GLY B 192 2.63 1.28 -5.74
N PRO B 193 1.40 0.85 -6.13
CA PRO B 193 1.25 0.11 -7.38
C PRO B 193 1.40 0.93 -8.63
N HIS B 194 1.88 0.29 -9.68
CA HIS B 194 1.89 0.91 -10.98
C HIS B 194 0.42 1.35 -11.29
N PRO B 195 0.20 2.54 -11.91
CA PRO B 195 1.29 3.33 -12.39
C PRO B 195 1.91 4.43 -11.50
N TYR B 196 1.69 4.40 -10.24
CA TYR B 196 2.16 5.54 -9.49
C TYR B 196 3.70 5.87 -9.43
N PRO B 197 4.63 4.92 -9.33
CA PRO B 197 6.05 5.23 -9.13
C PRO B 197 6.39 5.99 -10.39
N THR B 198 5.80 5.59 -11.43
CA THR B 198 6.04 6.26 -12.75
C THR B 198 5.48 7.66 -12.83
N ILE B 199 4.18 7.83 -12.70
CA ILE B 199 3.50 9.13 -12.56
C ILE B 199 4.27 10.12 -11.69
N VAL B 200 4.57 9.66 -10.49
CA VAL B 200 5.19 10.56 -9.52
C VAL B 200 6.56 11.05 -10.01
N ARG B 201 7.34 10.15 -10.55
CA ARG B 201 8.62 10.58 -11.13
C ARG B 201 8.42 11.56 -12.27
N GLU B 202 7.51 11.23 -13.25
CA GLU B 202 7.46 12.24 -14.20
C GLU B 202 6.84 13.62 -13.80
N PHE B 203 6.00 13.67 -12.73
CA PHE B 203 5.57 14.90 -12.14
C PHE B 203 6.57 15.63 -11.18
N GLN B 204 7.81 15.15 -11.00
CA GLN B 204 8.78 15.69 -10.00
C GLN B 204 10.02 15.84 -10.87
N ARG B 205 9.90 15.54 -12.13
CA ARG B 205 11.23 15.45 -12.87
C ARG B 205 11.75 16.84 -13.31
N MET B 206 10.87 17.83 -13.31
CA MET B 206 11.32 19.24 -13.60
C MET B 206 12.35 19.60 -12.56
N ILE B 207 12.35 18.99 -11.37
CA ILE B 207 13.50 19.29 -10.56
C ILE B 207 14.91 19.11 -11.06
N GLY B 208 15.22 17.91 -11.52
CA GLY B 208 16.54 17.62 -11.99
C GLY B 208 16.63 18.32 -13.32
N GLU B 209 15.53 18.46 -14.06
CA GLU B 209 15.66 19.18 -15.30
C GLU B 209 16.20 20.60 -15.17
N GLU B 210 15.60 21.34 -14.27
CA GLU B 210 15.93 22.68 -13.98
C GLU B 210 17.38 22.71 -13.48
N THR B 211 17.68 21.80 -12.58
CA THR B 211 18.98 21.79 -11.91
C THR B 211 20.11 21.63 -12.96
N LYS B 212 19.88 20.73 -13.89
CA LYS B 212 20.79 20.47 -15.00
C LYS B 212 21.02 21.72 -15.85
N ALA B 213 19.96 22.40 -16.33
CA ALA B 213 20.17 23.69 -17.02
C ALA B 213 20.88 24.75 -16.18
N GLN B 214 20.53 24.80 -14.86
CA GLN B 214 21.04 25.87 -13.97
C GLN B 214 22.54 25.64 -13.74
N ILE B 215 22.88 24.42 -13.44
CA ILE B 215 24.26 24.13 -13.15
C ILE B 215 25.23 24.37 -14.39
N LEU B 216 24.68 24.07 -15.59
CA LEU B 216 25.33 24.22 -16.94
C LEU B 216 25.52 25.73 -17.10
N ASP B 217 24.50 26.52 -16.80
CA ASP B 217 24.68 27.98 -16.94
C ASP B 217 25.68 28.57 -15.97
N LYS B 218 25.69 28.07 -14.72
CA LYS B 218 26.55 28.69 -13.72
C LYS B 218 28.02 28.18 -13.65
N GLU B 219 28.23 26.94 -14.05
CA GLU B 219 29.51 26.30 -13.83
C GLU B 219 30.10 25.72 -15.10
N GLY B 220 29.28 25.51 -16.09
CA GLY B 220 29.74 25.02 -17.38
C GLY B 220 29.95 23.54 -17.48
N ARG B 221 29.47 22.75 -16.47
CA ARG B 221 29.65 21.34 -16.42
C ARG B 221 28.55 20.71 -15.49
N LEU B 222 28.38 19.40 -15.53
CA LEU B 222 27.40 18.71 -14.72
C LEU B 222 28.05 18.54 -13.34
N PRO B 223 27.21 18.22 -12.38
CA PRO B 223 27.68 18.02 -11.02
C PRO B 223 28.43 16.63 -10.92
N ASP B 224 29.34 16.52 -9.97
CA ASP B 224 30.01 15.22 -9.67
C ASP B 224 29.05 14.35 -8.95
N ALA B 225 28.11 15.00 -8.30
CA ALA B 225 27.03 14.28 -7.58
C ALA B 225 25.80 15.10 -7.10
N VAL B 226 24.64 14.42 -7.13
CA VAL B 226 23.36 14.96 -6.74
C VAL B 226 22.90 14.11 -5.57
N ILE B 227 22.48 14.77 -4.56
CA ILE B 227 22.23 14.18 -3.25
C ILE B 227 20.81 14.61 -2.78
N ALA B 228 20.02 13.64 -2.41
CA ALA B 228 18.63 13.86 -2.00
C ALA B 228 18.24 12.89 -0.90
N CYS B 229 17.45 13.35 -0.03
CA CYS B 229 16.90 12.45 0.99
C CYS B 229 15.73 11.55 0.43
N VAL B 230 15.59 10.39 1.01
CA VAL B 230 14.59 9.33 0.59
C VAL B 230 13.69 8.87 1.73
N GLY B 231 12.45 9.13 1.61
CA GLY B 231 11.43 8.44 2.38
C GLY B 231 10.84 7.43 1.34
N GLY B 232 9.71 7.75 0.70
CA GLY B 232 9.24 6.85 -0.35
C GLY B 232 10.03 7.15 -1.61
N GLY B 233 10.78 8.29 -1.67
CA GLY B 233 11.59 8.42 -2.83
C GLY B 233 11.14 9.43 -3.92
N SER B 234 10.04 10.24 -3.68
CA SER B 234 9.70 11.16 -4.75
C SER B 234 10.71 12.39 -5.07
N ASN B 235 11.15 13.17 -4.05
CA ASN B 235 12.07 14.36 -4.32
C ASN B 235 13.31 13.76 -4.94
N ALA B 236 13.78 12.62 -4.41
CA ALA B 236 15.05 12.11 -4.99
C ALA B 236 14.96 11.66 -6.45
N ILE B 237 13.90 10.87 -6.72
CA ILE B 237 13.76 10.45 -8.14
C ILE B 237 13.55 11.66 -9.04
N GLY B 238 12.85 12.66 -8.54
CA GLY B 238 12.62 13.86 -9.32
C GLY B 238 13.95 14.68 -9.64
N MET B 239 14.88 14.67 -8.69
CA MET B 239 16.23 15.27 -8.87
C MET B 239 16.98 14.18 -9.74
N PHE B 240 16.90 12.86 -9.45
CA PHE B 240 17.84 12.01 -10.22
C PHE B 240 17.54 11.76 -11.77
N ALA B 241 16.24 11.86 -12.13
CA ALA B 241 15.82 11.26 -13.35
C ALA B 241 16.53 11.79 -14.60
N ASP B 242 16.58 13.09 -14.77
CA ASP B 242 17.34 13.67 -15.86
C ASP B 242 18.80 13.45 -15.84
N PHE B 243 19.35 12.95 -14.73
CA PHE B 243 20.77 12.68 -14.78
C PHE B 243 21.15 11.17 -14.98
N ILE B 244 20.15 10.27 -14.92
CA ILE B 244 20.38 8.86 -14.99
C ILE B 244 21.30 8.45 -16.18
N ASN B 245 20.98 9.03 -17.34
CA ASN B 245 21.80 8.78 -18.54
C ASN B 245 23.12 9.54 -18.61
N ASP B 246 23.37 10.45 -17.65
CA ASP B 246 24.70 11.06 -17.56
C ASP B 246 25.56 10.26 -16.57
N THR B 247 26.27 9.30 -17.15
CA THR B 247 26.94 8.32 -16.34
C THR B 247 28.01 8.85 -15.37
N SER B 248 28.53 10.06 -15.59
CA SER B 248 29.59 10.58 -14.72
C SER B 248 28.98 11.25 -13.50
N VAL B 249 27.66 11.42 -13.52
CA VAL B 249 27.02 12.12 -12.41
C VAL B 249 26.66 11.12 -11.35
N GLY B 250 27.25 11.23 -10.14
CA GLY B 250 26.95 10.38 -8.96
C GLY B 250 25.47 10.68 -8.43
N LEU B 251 24.64 9.66 -8.03
CA LEU B 251 23.28 9.86 -7.62
C LEU B 251 23.31 9.23 -6.17
N ILE B 252 23.10 10.03 -5.12
CA ILE B 252 23.15 9.55 -3.75
C ILE B 252 21.80 9.84 -3.05
N GLY B 253 21.21 8.77 -2.51
CA GLY B 253 19.95 8.75 -1.86
C GLY B 253 20.26 8.68 -0.39
N VAL B 254 19.59 9.52 0.43
CA VAL B 254 19.98 9.45 1.87
C VAL B 254 18.79 9.05 2.75
N GLU B 255 18.90 7.92 3.45
CA GLU B 255 17.75 7.41 4.24
C GLU B 255 18.04 7.73 5.71
N PRO B 256 17.02 7.69 6.56
CA PRO B 256 17.18 8.08 7.99
C PRO B 256 17.81 6.94 8.75
N GLY B 257 18.87 7.24 9.49
CA GLY B 257 19.47 6.23 10.32
C GLY B 257 18.93 6.25 11.79
N GLY B 258 17.96 7.14 12.06
CA GLY B 258 17.44 7.40 13.39
C GLY B 258 18.44 7.62 14.53
N HIS B 259 18.18 6.96 15.67
CA HIS B 259 19.11 6.82 16.81
C HIS B 259 20.31 5.97 16.35
N ARG B 274 14.51 -5.93 3.74
CA ARG B 274 14.45 -7.23 2.96
C ARG B 274 13.21 -7.23 1.99
N VAL B 275 13.31 -7.86 0.84
CA VAL B 275 12.19 -7.80 -0.08
C VAL B 275 10.86 -8.40 0.44
N GLY B 276 9.80 -7.64 0.26
CA GLY B 276 8.44 -8.11 0.50
C GLY B 276 7.36 -7.50 -0.44
N ILE B 277 6.09 -7.81 -0.23
CA ILE B 277 5.07 -7.30 -1.11
C ILE B 277 4.20 -6.51 -0.17
N TYR B 278 4.21 -5.18 -0.24
CA TYR B 278 3.23 -4.42 0.55
C TYR B 278 3.03 -3.07 -0.08
N PHE B 279 1.97 -2.38 0.38
CA PHE B 279 1.55 -1.09 -0.22
C PHE B 279 1.39 -1.29 -1.78
N GLY B 280 0.97 -2.46 -2.26
CA GLY B 280 0.77 -2.66 -3.70
C GLY B 280 1.99 -2.92 -4.57
N MET B 281 3.17 -3.16 -3.97
CA MET B 281 4.37 -3.21 -4.74
C MET B 281 5.32 -4.26 -4.12
N LYS B 282 6.14 -4.85 -4.98
CA LYS B 282 7.26 -5.64 -4.57
C LYS B 282 8.52 -4.77 -4.33
N ALA B 283 8.92 -4.65 -3.05
CA ALA B 283 10.08 -3.76 -2.75
C ALA B 283 10.80 -4.15 -1.40
N PRO B 284 12.04 -3.67 -1.18
CA PRO B 284 12.70 -3.90 0.12
C PRO B 284 11.86 -3.29 1.23
N MET B 285 11.75 -3.97 2.35
CA MET B 285 10.78 -3.48 3.35
C MET B 285 11.29 -3.64 4.77
N MET B 286 10.75 -2.85 5.72
CA MET B 286 11.10 -2.98 7.12
C MET B 286 10.02 -3.90 7.75
N GLN B 287 10.46 -5.04 8.21
CA GLN B 287 9.45 -5.99 8.61
C GLN B 287 9.97 -6.96 9.63
N THR B 288 9.07 -7.63 10.31
CA THR B 288 9.53 -8.64 11.23
C THR B 288 9.90 -9.98 10.58
N ALA B 289 10.39 -10.88 11.48
CA ALA B 289 10.78 -12.25 11.27
C ALA B 289 9.64 -12.98 10.61
N ASP B 290 8.43 -12.74 11.09
CA ASP B 290 7.26 -13.41 10.64
C ASP B 290 6.67 -12.74 9.40
N GLY B 291 7.18 -11.56 9.03
CA GLY B 291 6.63 -10.76 7.91
C GLY B 291 5.59 -9.61 8.12
N GLN B 292 5.36 -9.16 9.37
CA GLN B 292 4.45 -8.05 9.58
C GLN B 292 5.26 -6.76 9.44
N ILE B 293 4.77 -5.90 8.59
CA ILE B 293 5.44 -4.64 8.38
C ILE B 293 5.68 -3.75 9.64
N GLU B 294 6.92 -3.41 9.92
CA GLU B 294 7.17 -2.56 11.09
C GLU B 294 6.99 -1.09 10.77
N GLU B 295 7.37 -0.24 11.71
CA GLU B 295 7.29 1.22 11.43
C GLU B 295 8.70 1.82 11.53
N SER B 296 9.10 2.65 10.57
CA SER B 296 10.46 3.21 10.62
C SER B 296 10.52 4.40 11.56
N TYR B 297 11.63 4.64 12.19
CA TYR B 297 11.61 5.80 13.06
C TYR B 297 12.67 6.79 12.76
N SER B 298 12.32 8.09 12.84
CA SER B 298 13.32 9.17 12.54
C SER B 298 12.97 10.41 13.23
N ILE B 299 13.93 11.29 13.51
CA ILE B 299 13.52 12.59 14.06
C ILE B 299 12.54 13.25 13.13
N SER B 300 12.62 12.96 11.85
CA SER B 300 11.78 13.62 10.97
C SER B 300 10.63 12.75 10.46
N ALA B 301 9.45 13.15 10.81
CA ALA B 301 8.33 12.29 10.53
C ALA B 301 8.15 12.00 9.09
N GLY B 302 8.53 12.96 8.26
CA GLY B 302 8.51 12.74 6.81
C GLY B 302 9.34 11.67 6.14
N LEU B 303 10.31 11.09 6.83
CA LEU B 303 11.12 10.06 6.27
C LEU B 303 10.64 8.71 6.90
N ASP B 304 9.51 8.63 7.55
CA ASP B 304 9.19 7.30 8.17
C ASP B 304 8.42 6.45 7.12
N PHE B 305 9.15 5.73 6.36
CA PHE B 305 8.41 5.00 5.38
C PHE B 305 9.10 3.70 5.49
N PRO B 306 8.28 2.66 5.75
CA PRO B 306 8.76 1.30 5.90
C PRO B 306 9.39 0.76 4.69
N SER B 307 9.23 1.42 3.56
CA SER B 307 9.72 0.77 2.34
C SER B 307 10.44 1.84 1.50
N VAL B 308 10.41 1.68 0.18
CA VAL B 308 11.00 2.68 -0.69
C VAL B 308 10.52 2.40 -2.10
N GLY B 309 10.38 3.40 -2.92
CA GLY B 309 9.93 3.18 -4.30
C GLY B 309 10.80 2.22 -5.08
N PRO B 310 10.17 1.45 -6.00
CA PRO B 310 10.81 0.31 -6.75
C PRO B 310 11.82 0.80 -7.67
N GLN B 311 11.70 1.99 -8.23
CA GLN B 311 12.73 2.54 -9.07
C GLN B 311 14.06 2.76 -8.25
N HIS B 312 13.99 3.19 -6.98
CA HIS B 312 15.21 3.33 -6.15
C HIS B 312 15.80 1.90 -5.91
N ALA B 313 14.94 0.89 -5.63
CA ALA B 313 15.41 -0.44 -5.40
C ALA B 313 16.15 -0.87 -6.66
N TYR B 314 15.56 -0.65 -7.80
CA TYR B 314 16.29 -1.00 -9.01
C TYR B 314 17.57 -0.35 -9.29
N LEU B 315 17.59 0.97 -9.18
CA LEU B 315 18.82 1.73 -9.33
C LEU B 315 19.96 1.24 -8.37
N ASN B 316 19.64 0.88 -7.13
CA ASN B 316 20.65 0.35 -6.25
C ASN B 316 21.20 -1.05 -6.84
N SER B 317 20.30 -1.95 -7.35
CA SER B 317 20.55 -3.38 -7.62
C SER B 317 21.52 -3.26 -8.67
N ILE B 318 21.33 -2.29 -9.58
CA ILE B 318 22.29 -2.24 -10.68
C ILE B 318 23.50 -1.33 -10.45
N GLY B 319 23.67 -0.75 -9.24
CA GLY B 319 24.82 0.18 -9.22
C GLY B 319 24.76 1.65 -9.63
N ARG B 320 23.65 2.05 -10.18
CA ARG B 320 23.59 3.36 -10.81
C ARG B 320 23.47 4.42 -9.69
N ALA B 321 22.87 4.05 -8.55
CA ALA B 321 22.80 5.04 -7.47
C ALA B 321 23.16 4.38 -6.15
N ASP B 322 23.75 5.14 -5.24
CA ASP B 322 24.06 4.56 -3.92
C ASP B 322 23.18 5.13 -2.89
N TYR B 323 22.95 4.37 -1.82
CA TYR B 323 22.02 4.85 -0.84
C TYR B 323 22.80 4.73 0.54
N VAL B 324 22.73 5.77 1.34
CA VAL B 324 23.52 5.85 2.57
C VAL B 324 22.59 6.25 3.64
N SER B 325 23.01 6.22 4.90
CA SER B 325 22.13 6.74 5.99
C SER B 325 22.81 7.87 6.82
N ILE B 326 21.97 8.64 7.56
CA ILE B 326 22.40 9.77 8.37
C ILE B 326 21.53 9.68 9.55
N THR B 327 22.12 9.87 10.69
CA THR B 327 21.36 9.75 11.96
C THR B 327 20.65 11.05 12.35
N ASP B 328 19.81 10.92 13.34
CA ASP B 328 19.11 12.04 13.80
C ASP B 328 20.04 13.23 14.16
N ASP B 329 21.10 12.95 14.89
CA ASP B 329 22.01 13.97 15.35
C ASP B 329 22.82 14.59 14.22
N GLU B 330 23.22 13.79 13.28
CA GLU B 330 23.94 14.35 12.15
C GLU B 330 22.99 15.33 11.38
N ALA B 331 21.71 14.93 11.23
CA ALA B 331 20.62 15.74 10.59
C ALA B 331 20.38 17.08 11.34
N LEU B 332 20.44 17.00 12.67
CA LEU B 332 20.18 18.21 13.50
C LEU B 332 21.40 19.12 13.33
N GLU B 333 22.60 18.55 13.28
CA GLU B 333 23.83 19.37 13.11
C GLU B 333 23.82 20.13 11.73
N ALA B 334 23.34 19.43 10.71
CA ALA B 334 23.35 20.06 9.36
C ALA B 334 22.24 21.18 9.44
N PHE B 335 21.11 20.93 10.07
CA PHE B 335 20.03 21.85 10.28
C PHE B 335 20.61 23.17 10.90
N LYS B 336 21.40 23.02 11.92
CA LYS B 336 21.95 24.20 12.65
C LYS B 336 22.95 24.92 11.73
N THR B 337 23.76 24.16 11.02
CA THR B 337 24.76 24.71 10.16
C THR B 337 24.15 25.64 9.04
N LEU B 338 23.12 25.16 8.38
CA LEU B 338 22.43 25.89 7.33
C LEU B 338 21.74 27.14 7.93
N CYS B 339 21.08 27.08 9.10
CA CYS B 339 20.46 28.26 9.53
C CYS B 339 21.55 29.39 9.80
N ARG B 340 22.67 28.97 10.34
CA ARG B 340 23.66 29.91 10.88
C ARG B 340 24.49 30.48 9.84
N HIS B 341 24.77 29.73 8.82
CA HIS B 341 25.76 30.15 7.79
C HIS B 341 25.11 30.60 6.50
N GLU B 342 23.81 30.26 6.32
CA GLU B 342 23.09 30.67 5.08
C GLU B 342 21.82 31.36 5.42
N GLY B 343 21.30 31.27 6.66
CA GLY B 343 20.08 32.01 6.92
C GLY B 343 18.86 31.29 6.30
N ILE B 344 19.03 30.04 5.97
CA ILE B 344 17.95 29.16 5.42
C ILE B 344 17.58 28.14 6.47
N ILE B 345 16.28 28.05 6.84
CA ILE B 345 15.91 27.05 7.80
C ILE B 345 15.34 25.84 6.97
N PRO B 346 16.07 24.67 6.87
CA PRO B 346 15.69 23.51 6.06
C PRO B 346 14.84 22.55 6.81
N ALA B 347 13.96 21.90 6.13
CA ALA B 347 13.15 20.80 6.66
C ALA B 347 14.11 19.72 7.26
N LEU B 348 13.69 19.10 8.35
CA LEU B 348 14.60 18.06 8.86
C LEU B 348 14.79 16.83 7.88
N GLU B 349 13.80 16.53 6.99
CA GLU B 349 14.02 15.50 6.00
C GLU B 349 15.26 15.95 5.13
N SER B 350 15.21 17.15 4.61
CA SER B 350 16.27 17.59 3.62
C SER B 350 17.59 17.78 4.39
N SER B 351 17.53 17.95 5.69
CA SER B 351 18.79 18.18 6.51
C SER B 351 19.55 16.85 6.48
N HIS B 352 18.93 15.66 6.29
CA HIS B 352 19.71 14.38 6.22
C HIS B 352 20.57 14.45 4.94
N ALA B 353 19.96 14.90 3.87
CA ALA B 353 20.73 15.11 2.60
C ALA B 353 21.92 16.09 2.68
N LEU B 354 21.65 17.27 3.22
CA LEU B 354 22.73 18.15 3.43
C LEU B 354 23.83 17.64 4.40
N ALA B 355 23.46 16.96 5.50
CA ALA B 355 24.42 16.31 6.36
C ALA B 355 25.33 15.32 5.60
N HIS B 356 24.82 14.57 4.62
CA HIS B 356 25.70 13.77 3.92
C HIS B 356 26.69 14.57 3.07
N ALA B 357 26.21 15.63 2.43
CA ALA B 357 27.17 16.42 1.59
C ALA B 357 28.20 17.11 2.58
N LEU B 358 27.79 17.44 3.84
CA LEU B 358 28.78 18.06 4.69
C LEU B 358 29.88 17.05 5.11
N LYS B 359 29.51 15.76 5.27
CA LYS B 359 30.48 14.72 5.64
C LYS B 359 31.39 14.48 4.43
N MET B 360 30.81 14.49 3.27
CA MET B 360 31.70 14.28 2.06
C MET B 360 32.79 15.42 2.03
N MET B 361 32.33 16.65 2.22
CA MET B 361 33.24 17.81 2.22
C MET B 361 34.24 17.72 3.37
N ARG B 362 33.73 17.43 4.55
CA ARG B 362 34.63 17.60 5.68
C ARG B 362 35.63 16.33 5.73
N GLU B 363 35.19 15.15 5.27
CA GLU B 363 36.05 13.96 5.38
C GLU B 363 37.18 14.09 4.26
N GLN B 364 36.90 14.85 3.29
CA GLN B 364 37.92 14.96 2.27
C GLN B 364 38.09 16.42 1.76
N PRO B 365 38.63 17.29 2.64
CA PRO B 365 38.50 18.73 2.38
C PRO B 365 39.35 19.22 1.15
N GLU B 366 40.27 18.44 0.61
CA GLU B 366 41.03 18.88 -0.56
C GLU B 366 40.51 18.10 -1.70
N LYS B 367 39.40 17.33 -1.58
CA LYS B 367 38.92 16.81 -2.99
C LYS B 367 37.97 17.90 -3.72
N GLU B 368 38.29 18.16 -4.95
CA GLU B 368 37.52 18.96 -5.80
C GLU B 368 36.23 18.25 -6.20
N GLN B 369 35.10 18.86 -5.76
CA GLN B 369 33.85 18.18 -6.05
C GLN B 369 32.78 19.26 -6.15
N LEU B 370 31.99 19.18 -7.18
CA LEU B 370 30.74 20.02 -7.38
C LEU B 370 29.51 19.15 -6.98
N LEU B 371 28.85 19.58 -5.91
CA LEU B 371 27.74 18.77 -5.25
C LEU B 371 26.41 19.62 -5.33
N VAL B 372 25.33 19.00 -5.59
CA VAL B 372 24.02 19.64 -5.49
C VAL B 372 23.20 18.85 -4.55
N VAL B 373 22.70 19.55 -3.56
CA VAL B 373 21.79 18.93 -2.63
C VAL B 373 20.34 19.38 -2.90
N ASN B 374 19.38 18.44 -2.88
CA ASN B 374 18.02 18.83 -3.15
C ASN B 374 17.43 19.38 -1.88
N LEU B 375 17.12 20.70 -1.73
CA LEU B 375 16.66 21.05 -0.37
C LEU B 375 15.14 20.90 -0.59
N SER B 376 14.67 19.72 -0.25
CA SER B 376 13.28 19.37 -0.47
C SER B 376 12.30 20.21 0.23
N GLY B 377 12.58 20.92 1.35
CA GLY B 377 11.50 21.71 1.85
C GLY B 377 12.02 22.58 3.02
N ARG B 378 11.20 23.52 3.57
CA ARG B 378 11.74 24.54 4.56
C ARG B 378 11.37 23.90 5.92
N GLY B 379 12.02 24.39 7.00
CA GLY B 379 12.02 23.74 8.28
C GLY B 379 11.22 24.53 9.34
N ASP B 380 10.43 25.53 8.92
CA ASP B 380 9.67 26.30 9.92
C ASP B 380 8.81 25.37 10.79
N LYS B 381 8.26 24.35 10.14
CA LYS B 381 7.44 23.32 10.71
C LYS B 381 8.19 22.40 11.68
N ASP B 382 9.53 22.43 11.72
CA ASP B 382 10.29 21.56 12.59
C ASP B 382 10.81 22.34 13.83
N ILE B 383 10.58 23.64 13.91
CA ILE B 383 11.19 24.45 14.92
C ILE B 383 10.79 24.00 16.37
N PHE B 384 9.60 23.49 16.52
CA PHE B 384 9.18 23.03 17.81
C PHE B 384 9.90 21.70 18.17
N THR B 385 9.97 20.83 17.23
CA THR B 385 10.73 19.58 17.40
C THR B 385 12.07 19.83 17.74
N VAL B 386 12.74 20.77 17.04
CA VAL B 386 14.13 21.02 17.32
C VAL B 386 14.22 21.72 18.71
N HIS B 387 13.40 22.71 18.95
CA HIS B 387 13.38 23.35 20.28
C HIS B 387 13.25 22.26 21.41
N ASP B 388 12.16 21.48 21.37
CA ASP B 388 12.03 20.41 22.37
C ASP B 388 13.23 19.50 22.50
N ILE B 389 14.02 19.31 21.44
CA ILE B 389 15.25 18.47 21.58
C ILE B 389 16.38 19.19 22.24
N LEU B 390 16.60 20.41 21.86
CA LEU B 390 17.64 21.17 22.38
C LEU B 390 17.43 21.29 23.87
N LYS B 391 16.16 21.47 24.30
CA LYS B 391 15.90 21.66 25.74
C LYS B 391 15.81 20.40 26.59
N ALA B 392 15.72 19.22 25.97
CA ALA B 392 15.73 17.95 26.72
C ALA B 392 17.15 17.44 26.89
N ARG B 393 18.11 18.15 26.32
CA ARG B 393 19.50 17.73 26.40
C ARG B 393 20.34 18.85 26.96
N GLY B 394 19.72 19.91 27.48
CA GLY B 394 20.48 21.06 27.99
C GLY B 394 20.51 22.39 27.20
#